data_2H9G
#
_entry.id   2H9G
#
_cell.length_a   99.814
_cell.length_b   61.389
_cell.length_c   108.269
_cell.angle_alpha   90.00
_cell.angle_beta   101.17
_cell.angle_gamma   90.00
#
_symmetry.space_group_name_H-M   'P 1 21 1'
#
loop_
_entity.id
_entity.type
_entity.pdbx_description
1 polymer 'Fab BdF1, light chain'
2 polymer 'Fab BdF1, heavy chain'
3 polymer 'Tumor necrosis factor receptor superfamily member 10B precursor'
4 water water
#
loop_
_entity_poly.entity_id
_entity_poly.type
_entity_poly.pdbx_seq_one_letter_code
_entity_poly.pdbx_strand_id
1 'polypeptide(L)'
;DIQMTQSPSSLSASVGDRVTITCRASQDVSTAVAWYQQKPGKAPKLLIYSASFLYSGVPSRFSGSGSGTDFTLTISSLQP
EDFATYYCQQSYTTPPTFGQGTKVEIKRTVAAPSVFIFPPSDEQLKSGTASVVCLLNNFYPREAKVQWKVDNALQSGNSQ
ESVTEQDSKDSTYSLSSTLTLSKADYEKHKVYACEVTHQGLSSPVTKSFNRGEC
;
A,L
2 'polypeptide(L)'
;EVQLVESGGGLVQPGGSLRLSCAASGFSIGKSGIHWVRQAPGKGLEWVAVIYPHDGNTAYADSVKGRFTISADTSKNTAY
LQMNSLRAEDTAVYYCARRLALVRMWMDYWGQGTLVTVSSASTKGPSVFPLAPSSKSTSGGTAALGCLVKDYFPEPVTVS
WNSGALTSGVHTFPAVLQSSGLYSLSSVVTVPSSSLGTQTYICNVNHKPSNTKVDKKVEPKSCDKTHL
;
B,H
3 'polypeptide(L)'
;ALITQQDLAPQQRAAPQQKRSSPSEGLCPPGHHISEDGRDCISCKYGQDYSTHWNDLLFCLRCTRCDSGEVELSPCTTTR
NTVCQCEEGTFREEDSPEMCRKCRTGCPRGMVKVGDCTPWSDIECVHKES
;
R,S
#
# COMPACT_ATOMS: atom_id res chain seq x y z
N ASP A 1 15.26 -18.09 -23.62
CA ASP A 1 16.70 -18.34 -23.95
C ASP A 1 17.12 -19.72 -23.42
N ILE A 2 17.40 -19.83 -22.12
CA ILE A 2 18.01 -21.04 -21.54
C ILE A 2 17.13 -21.63 -20.44
N GLN A 3 16.62 -22.84 -20.66
CA GLN A 3 15.87 -23.56 -19.63
C GLN A 3 16.82 -24.22 -18.64
N MET A 4 16.47 -24.06 -17.36
CA MET A 4 17.10 -24.79 -16.28
C MET A 4 16.07 -25.78 -15.80
N THR A 5 16.43 -27.07 -15.81
CA THR A 5 15.51 -28.11 -15.36
C THR A 5 16.04 -28.72 -14.06
N GLN A 6 15.30 -28.53 -12.97
CA GLN A 6 15.68 -29.14 -11.69
C GLN A 6 15.11 -30.53 -11.55
N SER A 7 15.77 -31.32 -10.72
CA SER A 7 15.28 -32.64 -10.37
C SER A 7 15.84 -33.06 -9.00
N PRO A 8 15.00 -33.68 -8.15
CA PRO A 8 13.55 -33.93 -8.35
C PRO A 8 12.68 -32.68 -8.07
N SER A 9 11.40 -32.72 -8.43
CA SER A 9 10.44 -31.68 -8.03
C SER A 9 10.37 -31.57 -6.50
N SER A 10 10.31 -32.74 -5.85
CA SER A 10 10.20 -32.82 -4.41
C SER A 10 10.85 -34.09 -3.89
N LEU A 11 11.42 -34.01 -2.69
CA LEU A 11 11.86 -35.20 -1.96
C LEU A 11 11.54 -35.08 -0.47
N SER A 12 11.36 -36.25 0.14
CA SER A 12 11.22 -36.37 1.58
C SER A 12 12.52 -36.94 2.10
N ALA A 13 12.94 -36.47 3.27
CA ALA A 13 14.18 -36.94 3.87
C ALA A 13 14.16 -36.72 5.38
N SER A 14 15.06 -37.41 6.07
CA SER A 14 15.22 -37.31 7.53
C SER A 14 16.37 -36.37 7.87
N VAL A 15 16.35 -35.84 9.10
CA VAL A 15 17.50 -35.11 9.60
C VAL A 15 18.66 -36.09 9.56
N GLY A 16 19.78 -35.66 9.00
CA GLY A 16 20.96 -36.52 8.87
C GLY A 16 21.22 -37.03 7.47
N ASP A 17 20.16 -37.22 6.67
CA ASP A 17 20.29 -37.76 5.32
C ASP A 17 21.15 -36.91 4.38
N ARG A 18 21.80 -37.59 3.44
CA ARG A 18 22.51 -36.94 2.37
C ARG A 18 21.49 -36.60 1.29
N VAL A 19 21.48 -35.33 0.85
CA VAL A 19 20.53 -34.90 -0.17
C VAL A 19 21.27 -34.32 -1.41
N THR A 20 20.79 -34.69 -2.60
CA THR A 20 21.40 -34.28 -3.88
C THR A 20 20.32 -33.70 -4.84
N ILE A 21 20.44 -32.40 -5.13
CA ILE A 21 19.57 -31.72 -6.10
C ILE A 21 20.39 -31.43 -7.33
N THR A 22 19.85 -31.77 -8.51
CA THR A 22 20.56 -31.55 -9.78
C THR A 22 19.82 -30.53 -10.65
N CYS A 23 20.58 -29.70 -11.37
CA CYS A 23 19.98 -28.79 -12.32
C CYS A 23 20.68 -28.98 -13.65
N ARG A 24 19.89 -28.98 -14.73
CA ARG A 24 20.41 -29.16 -16.08
C ARG A 24 20.05 -27.95 -16.95
N ALA A 25 21.07 -27.26 -17.45
CA ALA A 25 20.88 -26.20 -18.44
C ALA A 25 20.72 -26.81 -19.83
N SER A 26 19.90 -26.18 -20.67
CA SER A 26 19.73 -26.64 -22.05
C SER A 26 20.93 -26.29 -22.93
N GLN A 27 21.91 -25.59 -22.36
CA GLN A 27 23.07 -25.07 -23.06
C GLN A 27 24.25 -24.98 -22.10
N ASP A 28 25.46 -24.87 -22.63
CA ASP A 28 26.64 -24.59 -21.81
C ASP A 28 26.54 -23.21 -21.13
N VAL A 29 26.54 -23.22 -19.79
CA VAL A 29 26.56 -22.00 -18.99
C VAL A 29 27.84 -21.92 -18.12
N SER A 30 28.87 -22.69 -18.50
CA SER A 30 30.09 -22.91 -17.71
C SER A 30 29.84 -23.07 -16.19
N THR A 31 30.39 -22.18 -15.36
CA THR A 31 30.11 -22.24 -13.91
C THR A 31 29.24 -21.07 -13.45
N ALA A 32 28.47 -20.49 -14.37
CA ALA A 32 27.67 -19.30 -14.07
C ALA A 32 26.30 -19.71 -13.53
N VAL A 33 26.33 -20.34 -12.37
CA VAL A 33 25.13 -20.92 -11.76
C VAL A 33 25.12 -20.55 -10.28
N ALA A 34 23.92 -20.26 -9.76
CA ALA A 34 23.75 -20.03 -8.34
C ALA A 34 22.66 -20.95 -7.84
N TRP A 35 22.58 -21.08 -6.50
CA TRP A 35 21.51 -21.80 -5.82
C TRP A 35 20.91 -20.91 -4.75
N TYR A 36 19.58 -20.98 -4.61
CA TYR A 36 18.82 -20.16 -3.66
C TYR A 36 17.93 -21.05 -2.77
N GLN A 37 17.67 -20.58 -1.56
CA GLN A 37 16.77 -21.29 -0.63
C GLN A 37 15.59 -20.40 -0.32
N GLN A 38 14.39 -20.96 -0.33
CA GLN A 38 13.18 -20.21 0.02
C GLN A 38 12.24 -21.03 0.90
N LYS A 39 11.83 -20.42 2.01
CA LYS A 39 10.86 -21.00 2.93
C LYS A 39 9.56 -20.27 2.70
N PRO A 40 8.41 -20.91 3.03
CA PRO A 40 7.08 -20.35 2.75
C PRO A 40 6.86 -18.98 3.40
N GLY A 41 6.27 -18.05 2.66
CA GLY A 41 6.03 -16.69 3.16
C GLY A 41 7.27 -15.80 3.23
N LYS A 42 8.42 -16.29 2.77
CA LYS A 42 9.68 -15.56 2.91
C LYS A 42 10.35 -15.40 1.54
N ALA A 43 11.30 -14.47 1.46
CA ALA A 43 12.03 -14.22 0.23
C ALA A 43 13.19 -15.21 0.08
N PRO A 44 13.57 -15.51 -1.17
CA PRO A 44 14.77 -16.31 -1.40
C PRO A 44 16.03 -15.78 -0.71
N LYS A 45 16.94 -16.70 -0.40
CA LYS A 45 18.26 -16.35 0.11
C LYS A 45 19.31 -16.99 -0.77
N LEU A 46 20.36 -16.22 -1.12
CA LEU A 46 21.51 -16.75 -1.82
C LEU A 46 22.28 -17.74 -0.94
N LEU A 47 22.53 -18.93 -1.49
CA LEU A 47 23.41 -19.92 -0.86
C LEU A 47 24.81 -19.96 -1.48
N ILE A 48 24.82 -20.00 -2.81
CA ILE A 48 25.96 -20.42 -3.61
C ILE A 48 25.97 -19.64 -4.92
N TYR A 49 27.13 -19.14 -5.31
CA TYR A 49 27.28 -18.43 -6.58
C TYR A 49 28.51 -18.98 -7.30
N SER A 50 28.54 -18.78 -8.61
CA SER A 50 29.58 -19.31 -9.51
C SER A 50 29.80 -20.82 -9.31
N ALA A 51 28.67 -21.53 -9.19
CA ALA A 51 28.59 -23.01 -9.12
C ALA A 51 28.99 -23.67 -7.80
N SER A 52 30.04 -23.17 -7.15
CA SER A 52 30.59 -23.88 -5.98
C SER A 52 31.03 -23.00 -4.80
N PHE A 53 30.81 -21.69 -4.87
CA PHE A 53 31.28 -20.77 -3.84
C PHE A 53 30.14 -20.37 -2.90
N LEU A 54 30.38 -20.51 -1.61
CA LEU A 54 29.36 -20.26 -0.61
C LEU A 54 29.22 -18.78 -0.34
N TYR A 55 27.98 -18.34 -0.22
CA TYR A 55 27.68 -16.99 0.20
C TYR A 55 27.94 -16.88 1.71
N SER A 56 28.07 -15.66 2.22
CA SER A 56 28.30 -15.44 3.65
C SER A 56 27.24 -16.12 4.53
N GLY A 57 27.70 -16.69 5.64
CA GLY A 57 26.83 -17.28 6.65
C GLY A 57 26.18 -18.59 6.27
N VAL A 58 26.63 -19.19 5.17
CA VAL A 58 26.08 -20.46 4.71
C VAL A 58 26.93 -21.59 5.26
N PRO A 59 26.31 -22.57 5.93
CA PRO A 59 27.12 -23.58 6.62
C PRO A 59 27.81 -24.51 5.63
N SER A 60 28.83 -25.20 6.12
CA SER A 60 29.72 -26.02 5.28
C SER A 60 29.11 -27.35 4.81
N ARG A 61 27.95 -27.69 5.36
CA ARG A 61 27.18 -28.84 4.89
C ARG A 61 26.57 -28.58 3.50
N PHE A 62 26.56 -27.30 3.10
CA PHE A 62 26.15 -26.92 1.74
C PHE A 62 27.31 -26.92 0.77
N SER A 63 27.09 -27.57 -0.37
CA SER A 63 28.11 -27.79 -1.36
C SER A 63 27.46 -27.66 -2.74
N GLY A 64 28.07 -26.88 -3.61
CA GLY A 64 27.69 -26.81 -5.02
C GLY A 64 28.83 -27.30 -5.92
N SER A 65 28.47 -28.04 -6.96
CA SER A 65 29.44 -28.47 -7.96
C SER A 65 28.85 -28.46 -9.38
N GLY A 66 29.74 -28.48 -10.37
CA GLY A 66 29.35 -28.58 -11.78
C GLY A 66 30.03 -27.57 -12.70
N SER A 67 29.94 -27.85 -13.98
CA SER A 67 30.38 -26.93 -15.01
C SER A 67 29.74 -27.35 -16.32
N GLY A 68 29.41 -26.36 -17.15
CA GLY A 68 28.90 -26.62 -18.48
C GLY A 68 27.40 -26.74 -18.47
N THR A 69 26.92 -27.98 -18.41
CA THR A 69 25.49 -28.31 -18.47
C THR A 69 24.92 -28.76 -17.11
N ASP A 70 25.65 -29.63 -16.41
CA ASP A 70 25.16 -30.36 -15.23
C ASP A 70 25.70 -29.76 -13.93
N PHE A 71 24.78 -29.43 -13.02
CA PHE A 71 25.10 -28.79 -11.74
C PHE A 71 24.41 -29.50 -10.59
N THR A 72 24.98 -29.33 -9.40
CA THR A 72 24.61 -30.10 -8.22
C THR A 72 24.70 -29.25 -6.96
N LEU A 73 23.66 -29.30 -6.15
CA LEU A 73 23.67 -28.83 -4.79
C LEU A 73 23.60 -30.06 -3.88
N THR A 74 24.55 -30.15 -2.95
CA THR A 74 24.59 -31.23 -1.99
C THR A 74 24.41 -30.67 -0.60
N ILE A 75 23.59 -31.35 0.21
CA ILE A 75 23.56 -31.17 1.65
C ILE A 75 24.08 -32.47 2.28
N SER A 76 25.28 -32.44 2.84
CA SER A 76 25.92 -33.65 3.37
C SER A 76 25.13 -34.31 4.53
N SER A 77 24.60 -33.50 5.42
CA SER A 77 23.76 -33.97 6.53
C SER A 77 22.64 -32.99 6.83
N LEU A 78 21.43 -33.35 6.42
CA LEU A 78 20.26 -32.49 6.52
C LEU A 78 19.99 -32.04 7.96
N GLN A 79 19.74 -30.75 8.14
CA GLN A 79 19.37 -30.18 9.44
C GLN A 79 17.92 -29.68 9.42
N PRO A 80 17.33 -29.44 10.61
CA PRO A 80 15.94 -28.99 10.67
C PRO A 80 15.67 -27.68 9.90
N GLU A 81 16.67 -26.81 9.84
CA GLU A 81 16.60 -25.54 9.12
C GLU A 81 16.66 -25.69 7.59
N ASP A 82 16.91 -26.91 7.09
CA ASP A 82 17.21 -27.12 5.66
C ASP A 82 16.03 -27.57 4.82
N PHE A 83 14.90 -27.79 5.46
CA PHE A 83 13.68 -28.16 4.77
C PHE A 83 13.09 -26.89 4.20
N ALA A 84 13.13 -26.80 2.88
CA ALA A 84 12.79 -25.59 2.14
C ALA A 84 12.72 -25.97 0.67
N THR A 85 12.38 -25.01 -0.17
CA THR A 85 12.46 -25.17 -1.62
C THR A 85 13.79 -24.56 -2.09
N TYR A 86 14.51 -25.29 -2.95
CA TYR A 86 15.77 -24.83 -3.55
C TYR A 86 15.61 -24.55 -5.05
N TYR A 87 16.20 -23.45 -5.52
CA TYR A 87 16.11 -22.99 -6.92
C TYR A 87 17.51 -22.82 -7.49
N CYS A 88 17.76 -23.37 -8.68
CA CYS A 88 18.99 -23.09 -9.43
C CYS A 88 18.73 -21.86 -10.31
N GLN A 89 19.80 -21.11 -10.57
CA GLN A 89 19.78 -19.97 -11.46
C GLN A 89 21.01 -20.04 -12.38
N GLN A 90 20.82 -19.73 -13.66
CA GLN A 90 21.97 -19.42 -14.54
C GLN A 90 22.05 -17.93 -14.79
N SER A 91 23.28 -17.41 -14.81
CA SER A 91 23.52 -16.02 -15.19
C SER A 91 24.62 -15.91 -16.24
N TYR A 92 24.61 -16.84 -17.19
CA TYR A 92 25.60 -16.87 -18.26
C TYR A 92 25.23 -15.82 -19.30
N THR A 93 23.93 -15.70 -19.58
CA THR A 93 23.39 -14.67 -20.45
C THR A 93 22.24 -13.92 -19.78
N THR A 94 21.89 -12.78 -20.39
CA THR A 94 20.70 -12.01 -20.05
C THR A 94 19.55 -12.48 -20.96
N PRO A 95 18.37 -12.75 -20.39
CA PRO A 95 18.00 -12.74 -18.98
C PRO A 95 18.47 -13.97 -18.22
N PRO A 96 18.77 -13.82 -16.92
CA PRO A 96 19.03 -15.00 -16.10
C PRO A 96 17.74 -15.78 -15.89
N THR A 97 17.82 -17.10 -15.82
CA THR A 97 16.63 -17.96 -15.73
C THR A 97 16.74 -18.93 -14.57
N PHE A 98 15.59 -19.31 -14.02
CA PHE A 98 15.51 -20.17 -12.85
C PHE A 98 14.93 -21.51 -13.21
N GLY A 99 15.34 -22.54 -12.47
CA GLY A 99 14.64 -23.83 -12.45
C GLY A 99 13.32 -23.66 -11.73
N GLN A 100 12.49 -24.69 -11.75
CA GLN A 100 11.14 -24.59 -11.18
C GLN A 100 11.09 -24.91 -9.69
N GLY A 101 12.22 -25.33 -9.13
CA GLY A 101 12.31 -25.61 -7.70
C GLY A 101 12.29 -27.09 -7.33
N THR A 102 13.04 -27.40 -6.28
CA THR A 102 13.02 -28.69 -5.59
C THR A 102 12.58 -28.44 -4.17
N LYS A 103 11.40 -28.94 -3.78
CA LYS A 103 10.92 -28.80 -2.41
C LYS A 103 11.47 -29.95 -1.58
N VAL A 104 12.16 -29.63 -0.48
CA VAL A 104 12.72 -30.64 0.38
C VAL A 104 11.92 -30.70 1.68
N GLU A 105 11.08 -31.74 1.77
CA GLU A 105 10.21 -31.94 2.91
C GLU A 105 10.76 -33.00 3.88
N ILE A 106 10.13 -33.13 5.03
CA ILE A 106 10.65 -34.00 6.10
C ILE A 106 9.87 -35.32 6.19
N LYS A 107 10.64 -36.41 6.28
CA LYS A 107 10.09 -37.76 6.36
C LYS A 107 9.82 -38.12 7.83
N ARG A 108 8.64 -38.68 8.10
CA ARG A 108 8.28 -39.14 9.44
C ARG A 108 7.44 -40.41 9.30
N THR A 109 6.97 -40.94 10.44
CA THR A 109 6.17 -42.16 10.47
C THR A 109 4.75 -41.89 9.98
N VAL A 110 4.05 -42.92 9.55
CA VAL A 110 2.65 -42.76 9.14
C VAL A 110 1.85 -42.33 10.36
N ALA A 111 0.90 -41.42 10.12
CA ALA A 111 -0.04 -40.94 11.13
C ALA A 111 -1.39 -40.80 10.48
N ALA A 112 -2.39 -41.46 11.08
CA ALA A 112 -3.77 -41.39 10.59
C ALA A 112 -4.38 -40.05 10.96
N PRO A 113 -5.22 -39.49 10.07
CA PRO A 113 -5.89 -38.23 10.39
C PRO A 113 -7.02 -38.41 11.38
N SER A 114 -7.31 -37.34 12.10
CA SER A 114 -8.56 -37.24 12.80
C SER A 114 -9.49 -36.45 11.87
N VAL A 115 -10.70 -36.97 11.68
CA VAL A 115 -11.65 -36.45 10.71
C VAL A 115 -12.80 -35.79 11.45
N PHE A 116 -13.20 -34.61 10.96
CA PHE A 116 -14.35 -33.86 11.48
C PHE A 116 -15.21 -33.36 10.33
N ILE A 117 -16.50 -33.25 10.57
CA ILE A 117 -17.44 -32.71 9.60
C ILE A 117 -18.21 -31.54 10.20
N PHE A 118 -18.52 -30.56 9.36
CA PHE A 118 -19.09 -29.29 9.82
C PHE A 118 -20.23 -28.89 8.90
N PRO A 119 -21.47 -28.93 9.41
CA PRO A 119 -22.56 -28.46 8.56
C PRO A 119 -22.52 -26.95 8.29
N PRO A 120 -23.31 -26.48 7.31
CA PRO A 120 -23.42 -25.04 7.16
C PRO A 120 -23.99 -24.43 8.43
N SER A 121 -23.57 -23.21 8.75
CA SER A 121 -24.20 -22.47 9.85
C SER A 121 -25.51 -21.88 9.32
N ASP A 122 -26.38 -21.49 10.25
CA ASP A 122 -27.64 -20.84 9.87
C ASP A 122 -27.39 -19.46 9.25
N GLU A 123 -26.39 -18.74 9.75
CA GLU A 123 -25.98 -17.45 9.17
C GLU A 123 -25.75 -17.58 7.67
N GLN A 124 -25.02 -18.63 7.28
CA GLN A 124 -24.72 -18.83 5.86
C GLN A 124 -25.93 -19.24 5.04
N LEU A 125 -26.70 -20.22 5.52
CA LEU A 125 -27.95 -20.63 4.86
C LEU A 125 -28.84 -19.46 4.51
N LYS A 126 -28.88 -18.46 5.41
CA LYS A 126 -29.66 -17.24 5.16
C LYS A 126 -29.26 -16.48 3.89
N SER A 127 -27.97 -16.55 3.52
CA SER A 127 -27.45 -15.84 2.36
C SER A 127 -27.71 -16.57 1.04
N GLY A 128 -28.32 -17.75 1.09
CA GLY A 128 -28.66 -18.51 -0.10
C GLY A 128 -27.64 -19.55 -0.55
N THR A 129 -26.65 -19.83 0.30
CA THR A 129 -25.67 -20.87 0.00
C THR A 129 -25.37 -21.74 1.22
N ALA A 130 -24.80 -22.91 0.98
CA ALA A 130 -24.42 -23.84 2.02
C ALA A 130 -23.04 -24.39 1.74
N SER A 131 -22.13 -24.24 2.69
CA SER A 131 -20.80 -24.86 2.64
C SER A 131 -20.72 -25.91 3.73
N VAL A 132 -20.42 -27.14 3.34
CA VAL A 132 -20.13 -28.24 4.24
C VAL A 132 -18.60 -28.48 4.20
N VAL A 133 -17.96 -28.50 5.37
CA VAL A 133 -16.49 -28.56 5.47
C VAL A 133 -16.09 -29.84 6.19
N CYS A 134 -15.07 -30.48 5.65
CA CYS A 134 -14.53 -31.73 6.19
C CYS A 134 -13.06 -31.46 6.51
N LEU A 135 -12.69 -31.66 7.77
CA LEU A 135 -11.32 -31.45 8.21
C LEU A 135 -10.62 -32.81 8.43
N LEU A 136 -9.44 -32.95 7.84
CA LEU A 136 -8.52 -34.07 8.11
C LEU A 136 -7.32 -33.52 8.84
N ASN A 137 -7.14 -33.92 10.10
CA ASN A 137 -6.16 -33.29 10.96
C ASN A 137 -4.91 -34.13 11.26
N ASN A 138 -3.74 -33.53 11.05
CA ASN A 138 -2.47 -34.12 11.53
C ASN A 138 -2.18 -35.55 11.04
N PHE A 139 -2.10 -35.71 9.73
CA PHE A 139 -1.80 -36.99 9.12
C PHE A 139 -0.49 -36.95 8.34
N TYR A 140 0.07 -38.13 8.11
CA TYR A 140 1.22 -38.31 7.26
C TYR A 140 1.17 -39.71 6.64
N PRO A 141 1.52 -39.87 5.35
CA PRO A 141 1.98 -38.86 4.39
C PRO A 141 0.85 -37.99 3.84
N ARG A 142 1.19 -37.09 2.93
CA ARG A 142 0.25 -36.11 2.37
C ARG A 142 -0.89 -36.74 1.59
N GLU A 143 -0.64 -37.93 1.06
CA GLU A 143 -1.56 -38.62 0.16
C GLU A 143 -2.84 -39.01 0.91
N ALA A 144 -3.97 -38.44 0.49
CA ALA A 144 -5.27 -38.63 1.12
C ALA A 144 -6.40 -38.45 0.10
N LYS A 145 -7.36 -39.38 0.10
CA LYS A 145 -8.50 -39.29 -0.80
C LYS A 145 -9.72 -38.93 0.00
N VAL A 146 -10.37 -37.84 -0.39
CA VAL A 146 -11.64 -37.40 0.18
C VAL A 146 -12.73 -37.54 -0.87
N GLN A 147 -13.78 -38.32 -0.53
CA GLN A 147 -15.01 -38.41 -1.33
C GLN A 147 -16.20 -37.83 -0.55
N TRP A 148 -17.09 -37.13 -1.25
CA TRP A 148 -18.34 -36.62 -0.67
C TRP A 148 -19.48 -37.41 -1.19
N LYS A 149 -20.45 -37.64 -0.32
CA LYS A 149 -21.67 -38.37 -0.65
C LYS A 149 -22.85 -37.62 -0.07
N VAL A 150 -23.88 -37.42 -0.87
CA VAL A 150 -25.10 -36.75 -0.42
C VAL A 150 -26.26 -37.71 -0.71
N ASP A 151 -26.82 -38.30 0.34
CA ASP A 151 -27.75 -39.43 0.23
C ASP A 151 -27.13 -40.62 -0.55
N ASN A 152 -25.85 -40.89 -0.28
CA ASN A 152 -25.08 -41.97 -0.95
C ASN A 152 -24.72 -41.68 -2.42
N ALA A 153 -25.13 -40.52 -2.93
CA ALA A 153 -24.76 -40.11 -4.29
C ALA A 153 -23.38 -39.47 -4.27
N LEU A 154 -22.43 -40.06 -4.98
CA LEU A 154 -21.10 -39.50 -5.08
C LEU A 154 -21.15 -38.13 -5.73
N GLN A 155 -20.47 -37.20 -5.10
CA GLN A 155 -20.42 -35.81 -5.51
C GLN A 155 -19.16 -35.63 -6.35
N SER A 156 -19.26 -34.93 -7.47
CA SER A 156 -18.11 -34.57 -8.29
C SER A 156 -18.20 -33.13 -8.81
N GLY A 157 -17.08 -32.42 -8.75
CA GLY A 157 -16.95 -31.08 -9.30
C GLY A 157 -17.46 -29.96 -8.42
N ASN A 158 -17.87 -30.25 -7.19
CA ASN A 158 -18.42 -29.21 -6.31
C ASN A 158 -17.71 -29.13 -4.98
N SER A 159 -16.50 -29.67 -4.93
CA SER A 159 -15.66 -29.54 -3.77
C SER A 159 -14.27 -28.99 -4.14
N GLN A 160 -13.55 -28.52 -3.13
CA GLN A 160 -12.19 -28.03 -3.30
C GLN A 160 -11.40 -28.32 -2.03
N GLU A 161 -10.16 -28.74 -2.23
CA GLU A 161 -9.29 -29.08 -1.11
C GLU A 161 -8.22 -28.02 -0.89
N SER A 162 -7.77 -27.88 0.34
CA SER A 162 -6.61 -27.05 0.66
C SER A 162 -5.82 -27.80 1.70
N VAL A 163 -4.51 -27.70 1.60
CA VAL A 163 -3.60 -28.48 2.39
C VAL A 163 -2.60 -27.54 2.98
N THR A 164 -2.27 -27.84 4.22
CA THR A 164 -1.45 -27.02 5.06
C THR A 164 0.02 -27.42 4.78
N GLU A 165 0.99 -26.55 5.07
CA GLU A 165 2.40 -26.94 5.04
C GLU A 165 2.67 -27.83 6.24
N GLN A 166 3.73 -28.62 6.15
CA GLN A 166 4.08 -29.61 7.17
C GLN A 166 4.24 -28.91 8.50
N ASP A 167 3.60 -29.43 9.55
CA ASP A 167 3.62 -28.73 10.86
C ASP A 167 5.04 -28.66 11.42
N SER A 168 5.35 -27.56 12.10
CA SER A 168 6.70 -27.31 12.64
C SER A 168 7.08 -28.20 13.83
N LYS A 169 6.08 -28.63 14.60
CA LYS A 169 6.32 -29.50 15.75
C LYS A 169 6.37 -30.96 15.32
N ASP A 170 5.29 -31.44 14.70
CA ASP A 170 5.11 -32.88 14.45
C ASP A 170 5.26 -33.33 13.00
N SER A 171 5.44 -32.36 12.08
CA SER A 171 5.71 -32.64 10.65
C SER A 171 4.55 -33.29 9.88
N THR A 172 3.34 -33.19 10.42
CA THR A 172 2.14 -33.73 9.78
C THR A 172 1.54 -32.72 8.80
N TYR A 173 0.50 -33.14 8.09
CA TYR A 173 -0.31 -32.26 7.25
C TYR A 173 -1.71 -32.23 7.84
N SER A 174 -2.48 -31.24 7.41
CA SER A 174 -3.94 -31.22 7.59
C SER A 174 -4.55 -30.78 6.28
N LEU A 175 -5.79 -31.19 6.03
CA LEU A 175 -6.50 -30.68 4.86
C LEU A 175 -7.99 -30.46 5.11
N SER A 176 -8.52 -29.43 4.45
CA SER A 176 -9.95 -29.19 4.42
C SER A 176 -10.46 -29.53 3.02
N SER A 177 -11.62 -30.19 2.96
CA SER A 177 -12.40 -30.28 1.75
C SER A 177 -13.68 -29.50 2.03
N THR A 178 -14.08 -28.71 1.05
CA THR A 178 -15.27 -27.92 1.20
C THR A 178 -16.15 -28.23 0.02
N LEU A 179 -17.38 -28.63 0.36
CA LEU A 179 -18.42 -28.92 -0.61
C LEU A 179 -19.38 -27.75 -0.61
N THR A 180 -19.52 -27.09 -1.76
CA THR A 180 -20.44 -25.95 -1.82
C THR A 180 -21.71 -26.31 -2.63
N LEU A 181 -22.86 -25.96 -2.04
CA LEU A 181 -24.16 -26.19 -2.65
C LEU A 181 -25.03 -24.97 -2.41
N SER A 182 -26.00 -24.73 -3.29
CA SER A 182 -27.04 -23.74 -3.01
C SER A 182 -27.90 -24.23 -1.83
N LYS A 183 -28.47 -23.29 -1.10
CA LYS A 183 -29.39 -23.55 0.01
C LYS A 183 -30.58 -24.42 -0.42
N ALA A 184 -31.06 -24.26 -1.65
CA ALA A 184 -32.15 -25.08 -2.18
C ALA A 184 -31.70 -26.52 -2.42
N ASP A 185 -30.58 -26.70 -3.10
CA ASP A 185 -30.03 -28.05 -3.34
C ASP A 185 -29.61 -28.71 -2.02
N TYR A 186 -29.05 -27.91 -1.10
CA TYR A 186 -28.74 -28.42 0.23
C TYR A 186 -30.01 -29.01 0.90
N GLU A 187 -31.09 -28.24 0.91
CA GLU A 187 -32.32 -28.65 1.61
C GLU A 187 -33.18 -29.71 0.89
N LYS A 188 -32.69 -30.26 -0.22
CA LYS A 188 -33.36 -31.38 -0.90
C LYS A 188 -32.84 -32.79 -0.49
N HIS A 189 -31.86 -32.84 0.42
CA HIS A 189 -31.18 -34.08 0.79
C HIS A 189 -30.95 -34.16 2.31
N LYS A 190 -30.87 -35.37 2.84
CA LYS A 190 -30.73 -35.59 4.27
C LYS A 190 -29.29 -35.82 4.75
N VAL A 191 -28.61 -36.82 4.15
CA VAL A 191 -27.34 -37.32 4.69
C VAL A 191 -26.13 -36.71 3.97
N TYR A 192 -25.27 -36.07 4.74
CA TYR A 192 -24.07 -35.43 4.23
C TYR A 192 -22.88 -36.13 4.82
N ALA A 193 -22.05 -36.71 3.97
CA ALA A 193 -20.99 -37.60 4.41
C ALA A 193 -19.67 -37.27 3.72
N CYS A 194 -18.60 -37.27 4.51
CA CYS A 194 -17.23 -37.15 4.04
C CYS A 194 -16.49 -38.48 4.32
N GLU A 195 -16.11 -39.21 3.28
CA GLU A 195 -15.35 -40.47 3.40
C GLU A 195 -13.86 -40.24 3.06
N VAL A 196 -12.98 -40.60 4.01
CA VAL A 196 -11.52 -40.35 3.91
C VAL A 196 -10.71 -41.66 3.80
N THR A 197 -9.79 -41.70 2.84
CA THR A 197 -8.92 -42.86 2.61
C THR A 197 -7.43 -42.43 2.73
N HIS A 198 -6.67 -43.18 3.52
CA HIS A 198 -5.30 -42.81 3.82
C HIS A 198 -4.58 -44.05 4.37
N GLN A 199 -3.31 -44.16 4.05
CA GLN A 199 -2.43 -45.24 4.48
C GLN A 199 -2.52 -45.59 5.97
N GLY A 200 -2.75 -44.60 6.81
CA GLY A 200 -2.79 -44.80 8.26
C GLY A 200 -4.08 -45.36 8.80
N LEU A 201 -5.10 -45.45 7.93
CA LEU A 201 -6.40 -46.01 8.27
C LEU A 201 -6.53 -47.41 7.71
N SER A 202 -6.97 -48.35 8.53
CA SER A 202 -7.15 -49.74 8.05
C SER A 202 -8.33 -49.85 7.07
N SER A 203 -9.23 -48.87 7.12
CA SER A 203 -10.43 -48.82 6.29
C SER A 203 -10.90 -47.37 6.18
N PRO A 204 -11.61 -46.99 5.09
CA PRO A 204 -12.00 -45.58 4.99
C PRO A 204 -12.86 -45.08 6.18
N VAL A 205 -12.53 -43.90 6.68
CA VAL A 205 -13.30 -43.28 7.76
C VAL A 205 -14.32 -42.35 7.12
N THR A 206 -15.58 -42.50 7.55
CA THR A 206 -16.66 -41.63 7.15
C THR A 206 -17.14 -40.81 8.35
N LYS A 207 -17.35 -39.52 8.14
CA LYS A 207 -18.05 -38.66 9.09
C LYS A 207 -19.29 -38.10 8.39
N SER A 208 -20.40 -38.04 9.11
CA SER A 208 -21.65 -37.58 8.52
C SER A 208 -22.58 -36.94 9.53
N PHE A 209 -23.56 -36.21 9.01
CA PHE A 209 -24.67 -35.71 9.80
C PHE A 209 -25.93 -35.83 8.95
N ASN A 210 -27.07 -35.75 9.63
CA ASN A 210 -28.36 -35.58 8.97
C ASN A 210 -28.74 -34.10 9.10
N ARG A 211 -29.08 -33.48 7.97
CA ARG A 211 -29.59 -32.11 8.01
C ARG A 211 -30.90 -32.03 8.82
N GLU B 1 24.25 -3.26 8.67
CA GLU B 1 23.27 -4.22 8.07
C GLU B 1 22.61 -3.67 6.81
N VAL B 2 22.44 -4.54 5.83
CA VAL B 2 21.79 -4.20 4.58
C VAL B 2 20.30 -4.56 4.66
N GLN B 3 19.46 -3.68 4.13
CA GLN B 3 18.04 -3.98 4.05
C GLN B 3 17.42 -3.28 2.85
N LEU B 4 16.55 -4.03 2.15
CA LEU B 4 15.77 -3.53 1.03
C LEU B 4 14.30 -3.67 1.38
N VAL B 5 13.54 -2.61 1.15
CA VAL B 5 12.11 -2.56 1.46
C VAL B 5 11.32 -2.17 0.21
N GLU B 6 10.57 -3.13 -0.34
CA GLU B 6 9.62 -2.89 -1.44
C GLU B 6 8.37 -2.16 -0.94
N SER B 7 7.88 -1.23 -1.75
CA SER B 7 6.54 -0.70 -1.54
C SER B 7 5.84 -0.45 -2.86
N GLY B 8 4.54 -0.19 -2.78
CA GLY B 8 3.74 0.28 -3.92
C GLY B 8 2.80 -0.73 -4.53
N GLY B 9 2.77 -1.94 -3.99
CA GLY B 9 1.89 -3.00 -4.47
C GLY B 9 0.42 -2.73 -4.23
N GLY B 10 -0.43 -3.40 -4.99
CA GLY B 10 -1.87 -3.27 -4.87
C GLY B 10 -2.57 -3.91 -6.05
N LEU B 11 -3.88 -3.77 -6.07
CA LEU B 11 -4.76 -4.36 -7.06
C LEU B 11 -5.07 -3.29 -8.10
N VAL B 12 -4.82 -3.58 -9.38
CA VAL B 12 -5.19 -2.65 -10.47
C VAL B 12 -5.89 -3.40 -11.59
N GLN B 13 -6.51 -2.64 -12.49
CA GLN B 13 -7.18 -3.19 -13.67
C GLN B 13 -6.15 -3.48 -14.76
N PRO B 14 -6.46 -4.44 -15.67
CA PRO B 14 -5.70 -4.62 -16.90
C PRO B 14 -5.65 -3.33 -17.72
N GLY B 15 -4.46 -2.99 -18.21
CA GLY B 15 -4.25 -1.72 -18.91
C GLY B 15 -3.77 -0.65 -17.97
N GLY B 16 -3.86 -0.91 -16.66
CA GLY B 16 -3.52 0.06 -15.64
C GLY B 16 -2.04 0.12 -15.34
N SER B 17 -1.69 1.01 -14.40
CA SER B 17 -0.32 1.37 -14.08
C SER B 17 -0.10 1.21 -12.59
N LEU B 18 1.11 0.81 -12.22
CA LEU B 18 1.55 0.80 -10.83
C LEU B 18 3.05 1.09 -10.80
N ARG B 19 3.50 1.80 -9.77
CA ARG B 19 4.89 2.12 -9.59
C ARG B 19 5.39 1.54 -8.28
N LEU B 20 6.32 0.59 -8.38
CA LEU B 20 6.96 -0.01 -7.21
C LEU B 20 8.21 0.78 -6.84
N SER B 21 8.49 0.89 -5.55
CA SER B 21 9.71 1.51 -5.06
C SER B 21 10.50 0.52 -4.22
N CYS B 22 11.80 0.69 -4.18
CA CYS B 22 12.66 -0.15 -3.37
C CYS B 22 13.66 0.74 -2.67
N ALA B 23 13.45 0.91 -1.37
CA ALA B 23 14.32 1.69 -0.50
C ALA B 23 15.47 0.83 -0.02
N ALA B 24 16.70 1.23 -0.35
CA ALA B 24 17.90 0.55 0.15
C ALA B 24 18.54 1.28 1.32
N SER B 25 19.01 0.48 2.29
CA SER B 25 19.79 0.98 3.42
C SER B 25 21.07 0.14 3.60
N GLY B 26 22.15 0.76 4.09
CA GLY B 26 23.37 0.04 4.44
C GLY B 26 24.37 -0.14 3.33
N PHE B 27 24.03 0.31 2.14
CA PHE B 27 24.95 0.26 1.00
C PHE B 27 24.46 1.25 -0.04
N SER B 28 25.36 1.60 -0.96
CA SER B 28 25.05 2.54 -2.03
C SER B 28 24.58 1.79 -3.27
N ILE B 29 23.37 2.11 -3.67
CA ILE B 29 22.81 1.71 -4.96
C ILE B 29 23.68 2.21 -6.14
N GLY B 30 24.21 3.42 -6.02
CA GLY B 30 25.16 3.97 -6.99
C GLY B 30 26.45 3.18 -7.18
N LYS B 31 26.83 2.41 -6.17
CA LYS B 31 28.04 1.56 -6.21
C LYS B 31 27.73 0.11 -6.56
N SER B 32 26.45 -0.17 -6.83
CA SER B 32 26.00 -1.48 -7.30
C SER B 32 24.78 -1.34 -8.20
N GLY B 33 23.59 -1.62 -7.66
CA GLY B 33 22.39 -1.73 -8.46
C GLY B 33 21.32 -2.54 -7.77
N ILE B 34 20.18 -2.68 -8.46
CA ILE B 34 19.01 -3.35 -7.94
C ILE B 34 18.33 -4.21 -9.01
N HIS B 35 17.89 -5.39 -8.58
CA HIS B 35 17.16 -6.34 -9.41
C HIS B 35 15.72 -6.39 -8.94
N TRP B 36 14.82 -6.64 -9.89
CA TRP B 36 13.43 -6.98 -9.61
C TRP B 36 13.18 -8.40 -10.09
N VAL B 37 12.51 -9.19 -9.26
CA VAL B 37 12.21 -10.59 -9.52
C VAL B 37 10.79 -10.80 -9.02
N ARG B 38 10.02 -11.61 -9.72
CA ARG B 38 8.62 -11.86 -9.32
C ARG B 38 8.30 -13.34 -9.18
N GLN B 39 7.35 -13.62 -8.32
CA GLN B 39 6.89 -14.97 -8.06
C GLN B 39 5.37 -14.94 -8.11
N ALA B 40 4.79 -15.50 -9.17
CA ALA B 40 3.34 -15.65 -9.25
C ALA B 40 2.94 -16.60 -8.13
N PRO B 41 1.74 -16.38 -7.52
CA PRO B 41 1.26 -17.29 -6.47
C PRO B 41 1.34 -18.78 -6.84
N GLY B 42 2.10 -19.55 -6.04
CA GLY B 42 2.28 -20.97 -6.28
C GLY B 42 3.34 -21.36 -7.30
N LYS B 43 4.01 -20.37 -7.90
CA LYS B 43 4.96 -20.60 -8.99
C LYS B 43 6.37 -20.33 -8.49
N GLY B 44 7.32 -20.39 -9.42
CA GLY B 44 8.72 -20.11 -9.13
C GLY B 44 9.08 -18.66 -9.40
N LEU B 45 10.37 -18.43 -9.63
CA LEU B 45 10.96 -17.11 -9.71
C LEU B 45 11.24 -16.74 -11.16
N GLU B 46 10.82 -15.55 -11.54
CA GLU B 46 11.03 -14.98 -12.86
C GLU B 46 11.67 -13.60 -12.67
N TRP B 47 12.90 -13.43 -13.16
CA TRP B 47 13.60 -12.15 -13.11
C TRP B 47 12.88 -11.17 -14.04
N VAL B 48 12.77 -9.90 -13.65
CA VAL B 48 12.06 -8.95 -14.51
C VAL B 48 12.97 -7.85 -15.04
N ALA B 49 13.88 -7.33 -14.22
CA ALA B 49 14.70 -6.18 -14.62
C ALA B 49 15.86 -5.94 -13.70
N VAL B 50 16.83 -5.19 -14.22
CA VAL B 50 17.93 -4.69 -13.43
C VAL B 50 18.29 -3.26 -13.83
N ILE B 51 18.84 -2.49 -12.87
CA ILE B 51 19.42 -1.20 -13.14
C ILE B 51 20.78 -1.02 -12.46
N TYR B 52 21.73 -0.49 -13.23
CA TYR B 52 23.02 0.00 -12.72
C TYR B 52 22.97 1.52 -12.72
N PRO B 53 22.65 2.13 -11.56
CA PRO B 53 22.52 3.58 -11.52
C PRO B 53 23.78 4.40 -11.83
N HIS B 54 24.98 3.81 -11.76
CA HIS B 54 26.22 4.54 -12.08
C HIS B 54 26.26 5.01 -13.54
N ASP B 55 25.80 4.16 -14.46
CA ASP B 55 25.75 4.50 -15.89
C ASP B 55 24.35 4.46 -16.51
N GLY B 56 23.33 4.29 -15.66
CA GLY B 56 21.94 4.25 -16.12
C GLY B 56 21.53 3.00 -16.90
N ASN B 57 22.41 1.99 -16.93
CA ASN B 57 22.20 0.79 -17.74
C ASN B 57 21.08 -0.07 -17.14
N THR B 58 20.19 -0.53 -18.01
CA THR B 58 19.01 -1.31 -17.61
C THR B 58 18.90 -2.53 -18.50
N ALA B 59 18.21 -3.55 -18.01
CA ALA B 59 17.88 -4.73 -18.81
C ALA B 59 16.55 -5.29 -18.28
N TYR B 60 15.79 -5.94 -19.16
CA TYR B 60 14.44 -6.38 -18.90
C TYR B 60 14.18 -7.79 -19.43
N ALA B 61 13.30 -8.50 -18.75
CA ALA B 61 12.78 -9.79 -19.27
C ALA B 61 11.94 -9.51 -20.50
N ASP B 62 11.96 -10.44 -21.47
CA ASP B 62 11.17 -10.27 -22.71
C ASP B 62 9.67 -10.08 -22.46
N SER B 63 9.14 -10.76 -21.44
CA SER B 63 7.73 -10.63 -21.00
C SER B 63 7.34 -9.19 -20.72
N VAL B 64 8.33 -8.40 -20.34
CA VAL B 64 8.13 -7.13 -19.65
C VAL B 64 8.62 -5.92 -20.49
N LYS B 65 9.49 -6.19 -21.45
CA LYS B 65 10.05 -5.19 -22.38
C LYS B 65 9.01 -4.26 -23.03
N GLY B 66 9.23 -2.96 -22.89
CA GLY B 66 8.39 -1.93 -23.47
C GLY B 66 7.27 -1.45 -22.59
N ARG B 67 6.93 -2.24 -21.59
CA ARG B 67 5.82 -1.94 -20.67
C ARG B 67 6.29 -1.50 -19.30
N PHE B 68 7.37 -2.12 -18.80
CA PHE B 68 7.93 -1.77 -17.50
C PHE B 68 9.16 -0.92 -17.74
N THR B 69 9.43 0.02 -16.84
CA THR B 69 10.65 0.83 -16.86
C THR B 69 11.23 0.83 -15.47
N ILE B 70 12.49 0.42 -15.35
CA ILE B 70 13.23 0.48 -14.09
C ILE B 70 14.07 1.77 -14.05
N SER B 71 14.01 2.49 -12.92
CA SER B 71 14.84 3.70 -12.72
C SER B 71 15.35 3.79 -11.28
N ALA B 72 16.20 4.77 -11.02
CA ALA B 72 16.79 4.96 -9.72
C ALA B 72 17.03 6.44 -9.38
N ASP B 73 16.97 6.73 -8.09
CA ASP B 73 17.28 8.04 -7.55
C ASP B 73 18.36 7.81 -6.51
N THR B 74 19.61 8.00 -6.91
CA THR B 74 20.76 7.76 -6.04
C THR B 74 20.74 8.70 -4.83
N SER B 75 20.20 9.91 -5.01
CA SER B 75 20.12 10.87 -3.89
C SER B 75 19.20 10.34 -2.77
N LYS B 76 18.15 9.61 -3.15
CA LYS B 76 17.23 8.96 -2.22
C LYS B 76 17.56 7.47 -2.00
N ASN B 77 18.62 6.98 -2.62
CA ASN B 77 19.03 5.56 -2.50
C ASN B 77 17.88 4.57 -2.80
N THR B 78 17.09 4.88 -3.83
CA THR B 78 15.87 4.14 -4.13
C THR B 78 15.82 3.82 -5.61
N ALA B 79 15.28 2.64 -5.93
CA ALA B 79 14.93 2.25 -7.30
C ALA B 79 13.41 2.11 -7.46
N TYR B 80 12.95 2.25 -8.71
CA TYR B 80 11.53 2.22 -9.03
C TYR B 80 11.31 1.33 -10.24
N LEU B 81 10.23 0.55 -10.20
CA LEU B 81 9.76 -0.16 -11.37
C LEU B 81 8.41 0.41 -11.73
N GLN B 82 8.39 1.23 -12.77
CA GLN B 82 7.16 1.78 -13.31
C GLN B 82 6.55 0.72 -14.22
N MET B 83 5.40 0.19 -13.81
CA MET B 83 4.73 -0.88 -14.52
C MET B 83 3.51 -0.32 -15.26
N ASN B 84 3.54 -0.32 -16.59
CA ASN B 84 2.42 0.13 -17.39
C ASN B 84 1.80 -1.01 -18.18
N SER B 85 0.63 -0.75 -18.75
CA SER B 85 -0.09 -1.72 -19.59
C SER B 85 -0.15 -3.10 -18.93
N LEU B 86 -0.54 -3.13 -17.66
CA LEU B 86 -0.49 -4.36 -16.87
C LEU B 86 -1.46 -5.42 -17.34
N ARG B 87 -1.03 -6.68 -17.28
CA ARG B 87 -1.85 -7.82 -17.69
C ARG B 87 -2.02 -8.75 -16.50
N ALA B 88 -3.13 -9.50 -16.49
CA ALA B 88 -3.44 -10.47 -15.44
C ALA B 88 -2.22 -11.30 -15.05
N GLU B 89 -1.48 -11.75 -16.07
CA GLU B 89 -0.28 -12.58 -15.90
C GLU B 89 0.94 -11.90 -15.24
N ASP B 90 0.85 -10.60 -14.98
CA ASP B 90 1.86 -9.87 -14.21
C ASP B 90 1.63 -10.01 -12.71
N THR B 91 0.50 -10.62 -12.33
CA THR B 91 0.19 -10.86 -10.92
C THR B 91 1.26 -11.71 -10.24
N ALA B 92 1.77 -11.23 -9.12
CA ALA B 92 2.91 -11.84 -8.47
C ALA B 92 3.34 -11.01 -7.28
N VAL B 93 4.08 -11.66 -6.37
CA VAL B 93 4.91 -10.93 -5.41
C VAL B 93 6.16 -10.42 -6.13
N TYR B 94 6.42 -9.13 -6.06
CA TYR B 94 7.62 -8.54 -6.64
C TYR B 94 8.65 -8.25 -5.54
N TYR B 95 9.82 -8.86 -5.68
CA TYR B 95 10.94 -8.68 -4.76
C TYR B 95 11.99 -7.83 -5.42
N CYS B 96 12.62 -6.96 -4.65
CA CYS B 96 13.84 -6.33 -5.10
C CYS B 96 15.00 -6.98 -4.37
N ALA B 97 16.14 -7.01 -5.05
CA ALA B 97 17.33 -7.60 -4.53
C ALA B 97 18.50 -6.72 -4.92
N ARG B 98 19.62 -6.86 -4.21
CA ARG B 98 20.74 -6.02 -4.54
C ARG B 98 21.60 -6.70 -5.59
N ARG B 99 22.12 -5.90 -6.51
CA ARG B 99 23.12 -6.35 -7.46
C ARG B 99 24.43 -6.63 -6.71
N LEU B 100 24.73 -7.90 -6.50
CA LEU B 100 25.92 -8.32 -5.74
C LEU B 100 27.20 -8.35 -6.59
N ALA B 101 27.06 -8.52 -7.91
CA ALA B 101 28.22 -8.73 -8.77
C ALA B 101 28.23 -7.79 -9.98
N LEU B 102 29.42 -7.58 -10.55
CA LEU B 102 29.59 -6.67 -11.69
C LEU B 102 28.90 -7.16 -12.96
N VAL B 103 29.15 -8.42 -13.31
CA VAL B 103 28.61 -8.99 -14.53
C VAL B 103 27.47 -9.96 -14.24
N ARG B 104 27.66 -10.87 -13.30
CA ARG B 104 26.66 -11.89 -13.00
C ARG B 104 25.46 -11.34 -12.24
N MET B 105 24.32 -11.99 -12.43
CA MET B 105 23.07 -11.52 -11.86
C MET B 105 22.80 -12.17 -10.50
N TRP B 106 23.86 -12.34 -9.71
CA TRP B 106 23.72 -12.86 -8.37
C TRP B 106 23.00 -11.79 -7.56
N MET B 107 21.87 -12.38 -6.48
CA MET B 107 21.07 -11.36 -5.85
C MET B 107 21.08 -11.73 -4.40
N ASP B 108 21.39 -10.77 -3.53
CA ASP B 108 21.30 -10.99 -2.09
C ASP B 108 20.47 -9.88 -1.42
N TYR B 109 20.18 -10.05 -0.14
CA TYR B 109 19.36 -9.11 0.61
C TYR B 109 18.04 -8.79 -0.04
N TRP B 110 17.35 -9.83 -0.49
CA TRP B 110 16.04 -9.66 -1.06
C TRP B 110 15.13 -9.06 0.03
N GLY B 111 14.21 -8.17 -0.36
CA GLY B 111 13.18 -7.68 0.55
C GLY B 111 12.03 -8.65 0.76
N GLN B 112 11.12 -8.33 1.68
CA GLN B 112 9.95 -9.16 1.96
C GLN B 112 8.99 -9.30 0.78
N GLY B 113 9.04 -8.36 -0.17
CA GLY B 113 8.24 -8.44 -1.40
C GLY B 113 6.97 -7.64 -1.30
N THR B 114 6.39 -7.31 -2.46
CA THR B 114 5.12 -6.58 -2.52
C THR B 114 4.20 -7.23 -3.57
N LEU B 115 2.96 -7.49 -3.17
CA LEU B 115 2.02 -8.21 -3.97
C LEU B 115 1.37 -7.26 -4.96
N VAL B 116 1.36 -7.66 -6.23
CA VAL B 116 0.69 -6.92 -7.27
C VAL B 116 -0.36 -7.82 -7.89
N THR B 117 -1.60 -7.36 -7.90
CA THR B 117 -2.70 -8.13 -8.46
C THR B 117 -3.27 -7.32 -9.60
N VAL B 118 -3.43 -7.97 -10.76
CA VAL B 118 -4.03 -7.34 -11.96
C VAL B 118 -5.27 -8.13 -12.31
N SER B 119 -6.41 -7.49 -12.13
CA SER B 119 -7.69 -8.12 -12.36
C SER B 119 -8.73 -7.06 -12.71
N SER B 120 -9.77 -7.46 -13.43
CA SER B 120 -10.93 -6.60 -13.63
C SER B 120 -12.00 -6.84 -12.55
N ALA B 121 -11.72 -7.74 -11.61
CA ALA B 121 -12.64 -7.99 -10.48
C ALA B 121 -12.46 -6.91 -9.41
N SER B 122 -13.56 -6.64 -8.72
CA SER B 122 -13.60 -5.63 -7.68
C SER B 122 -13.15 -6.24 -6.38
N THR B 123 -12.64 -5.40 -5.49
CA THR B 123 -12.41 -5.78 -4.10
C THR B 123 -13.72 -6.31 -3.52
N LYS B 124 -13.62 -7.38 -2.74
CA LYS B 124 -14.78 -7.93 -2.03
C LYS B 124 -14.33 -8.43 -0.66
N GLY B 125 -14.97 -7.95 0.39
CA GLY B 125 -14.70 -8.46 1.73
C GLY B 125 -15.39 -9.80 1.99
N PRO B 126 -14.81 -10.64 2.86
CA PRO B 126 -15.41 -11.92 3.18
C PRO B 126 -16.55 -11.85 4.18
N SER B 127 -17.43 -12.83 4.10
CA SER B 127 -18.34 -13.13 5.18
C SER B 127 -17.57 -14.15 6.01
N VAL B 128 -17.74 -14.11 7.33
CA VAL B 128 -17.13 -15.12 8.20
C VAL B 128 -18.21 -15.91 8.92
N PHE B 129 -18.15 -17.24 8.76
CA PHE B 129 -19.13 -18.15 9.32
C PHE B 129 -18.49 -19.08 10.35
N PRO B 130 -19.24 -19.45 11.41
CA PRO B 130 -18.71 -20.38 12.39
C PRO B 130 -18.68 -21.84 11.93
N LEU B 131 -17.52 -22.49 12.11
CA LEU B 131 -17.43 -23.96 12.10
C LEU B 131 -17.53 -24.42 13.55
N ALA B 132 -18.74 -24.78 13.95
CA ALA B 132 -19.06 -25.01 15.35
C ALA B 132 -18.65 -26.43 15.78
N PRO B 133 -18.16 -26.56 17.01
CA PRO B 133 -17.67 -27.84 17.51
C PRO B 133 -18.77 -28.82 17.91
N SER B 134 -18.34 -30.07 18.19
CA SER B 134 -19.20 -31.13 18.74
C SER B 134 -20.19 -31.64 17.71
N SER B 135 -19.73 -32.56 16.86
CA SER B 135 -20.59 -33.19 15.87
C SER B 135 -21.39 -34.34 16.49
N GLY B 141 -10.47 -36.46 25.10
CA GLY B 141 -11.31 -35.93 24.02
C GLY B 141 -10.78 -34.64 23.41
N THR B 142 -10.75 -34.58 22.08
CA THR B 142 -10.36 -33.37 21.36
C THR B 142 -11.49 -32.92 20.45
N ALA B 143 -11.78 -31.62 20.46
CA ALA B 143 -12.86 -31.05 19.64
C ALA B 143 -12.28 -30.08 18.62
N ALA B 144 -12.85 -30.07 17.43
CA ALA B 144 -12.43 -29.15 16.38
C ALA B 144 -13.47 -28.05 16.14
N LEU B 145 -12.99 -26.82 15.96
CA LEU B 145 -13.83 -25.70 15.63
C LEU B 145 -13.07 -24.76 14.71
N GLY B 146 -13.79 -23.88 14.03
CA GLY B 146 -13.16 -22.97 13.09
C GLY B 146 -14.02 -21.84 12.59
N CYS B 147 -13.49 -21.19 11.56
CA CYS B 147 -14.14 -20.07 10.87
C CYS B 147 -13.91 -20.27 9.40
N LEU B 148 -14.98 -20.17 8.63
CA LEU B 148 -14.96 -20.26 7.18
C LEU B 148 -15.00 -18.82 6.66
N VAL B 149 -13.92 -18.38 6.02
CA VAL B 149 -13.79 -17.02 5.56
C VAL B 149 -14.08 -17.05 4.07
N LYS B 150 -15.27 -16.60 3.69
CA LYS B 150 -15.76 -16.91 2.36
C LYS B 150 -15.92 -15.72 1.43
N ASP B 151 -15.47 -15.92 0.17
CA ASP B 151 -15.81 -15.07 -0.98
C ASP B 151 -15.20 -13.68 -0.90
N TYR B 152 -13.89 -13.62 -0.91
CA TYR B 152 -13.19 -12.36 -0.89
C TYR B 152 -12.21 -12.24 -2.06
N PHE B 153 -11.80 -11.01 -2.30
CA PHE B 153 -10.86 -10.69 -3.33
C PHE B 153 -10.30 -9.29 -3.06
N PRO B 154 -8.99 -9.10 -3.21
CA PRO B 154 -7.93 -10.05 -3.51
C PRO B 154 -7.36 -10.72 -2.24
N GLU B 155 -6.29 -11.46 -2.41
CA GLU B 155 -5.42 -11.85 -1.30
C GLU B 155 -4.67 -10.61 -0.78
N PRO B 156 -4.18 -10.67 0.47
CA PRO B 156 -4.36 -11.76 1.43
C PRO B 156 -5.44 -11.54 2.50
N VAL B 157 -5.79 -12.64 3.17
CA VAL B 157 -6.54 -12.62 4.41
C VAL B 157 -5.63 -13.11 5.56
N THR B 158 -5.86 -12.55 6.73
CA THR B 158 -5.15 -12.88 7.95
C THR B 158 -6.15 -13.46 8.99
N VAL B 159 -5.72 -14.49 9.72
CA VAL B 159 -6.54 -15.09 10.77
C VAL B 159 -5.73 -15.37 12.03
N SER B 160 -6.25 -14.92 13.19
CA SER B 160 -5.71 -15.28 14.50
C SER B 160 -6.87 -15.77 15.36
N TRP B 161 -6.55 -16.39 16.49
CA TRP B 161 -7.56 -16.78 17.48
C TRP B 161 -7.21 -16.15 18.82
N ASN B 162 -8.24 -15.61 19.49
CA ASN B 162 -8.11 -15.03 20.82
C ASN B 162 -7.04 -13.91 20.90
N SER B 163 -6.99 -13.12 19.83
CA SER B 163 -6.06 -12.02 19.66
C SER B 163 -4.59 -12.47 19.66
N GLY B 164 -4.37 -13.66 19.09
CA GLY B 164 -3.04 -14.27 19.02
C GLY B 164 -2.60 -15.09 20.24
N ALA B 165 -3.45 -15.17 21.25
CA ALA B 165 -3.18 -15.93 22.47
C ALA B 165 -3.32 -17.44 22.28
N LEU B 166 -4.16 -17.83 21.32
CA LEU B 166 -4.40 -19.23 21.00
C LEU B 166 -3.69 -19.57 19.67
N THR B 167 -2.55 -20.22 19.79
CA THR B 167 -1.68 -20.53 18.64
C THR B 167 -1.44 -22.05 18.48
N SER B 168 -1.57 -22.79 19.58
CA SER B 168 -1.39 -24.23 19.59
C SER B 168 -2.61 -24.90 18.97
N GLY B 169 -2.37 -25.91 18.14
CA GLY B 169 -3.43 -26.64 17.47
C GLY B 169 -4.07 -25.92 16.31
N VAL B 170 -3.56 -24.75 15.95
CA VAL B 170 -4.17 -23.88 14.95
C VAL B 170 -3.71 -24.19 13.52
N HIS B 171 -4.65 -24.29 12.59
CA HIS B 171 -4.35 -24.48 11.19
C HIS B 171 -5.24 -23.57 10.38
N THR B 172 -4.64 -22.60 9.72
CA THR B 172 -5.38 -21.80 8.80
C THR B 172 -4.81 -22.15 7.44
N PHE B 173 -5.70 -22.62 6.58
CA PHE B 173 -5.34 -23.21 5.32
C PHE B 173 -5.02 -22.17 4.25
N PRO B 174 -4.16 -22.53 3.29
CA PRO B 174 -4.01 -21.66 2.11
C PRO B 174 -5.37 -21.29 1.51
N ALA B 175 -5.46 -20.12 0.89
CA ALA B 175 -6.67 -19.72 0.18
C ALA B 175 -6.85 -20.55 -1.09
N VAL B 176 -8.11 -20.82 -1.45
CA VAL B 176 -8.42 -21.42 -2.73
C VAL B 176 -9.32 -20.51 -3.53
N LEU B 177 -8.98 -20.36 -4.81
CA LEU B 177 -9.81 -19.67 -5.75
C LEU B 177 -10.97 -20.59 -6.13
N GLN B 178 -12.19 -20.17 -5.80
CA GLN B 178 -13.39 -20.84 -6.26
C GLN B 178 -13.59 -20.54 -7.74
N SER B 179 -14.38 -21.38 -8.39
CA SER B 179 -14.75 -21.21 -9.80
C SER B 179 -15.39 -19.85 -10.13
N SER B 180 -15.96 -19.20 -9.10
CA SER B 180 -16.54 -17.85 -9.21
C SER B 180 -15.49 -16.72 -9.34
N GLY B 181 -14.24 -17.01 -9.00
CA GLY B 181 -13.14 -16.01 -9.04
C GLY B 181 -12.88 -15.38 -7.69
N LEU B 182 -13.62 -15.84 -6.68
CA LEU B 182 -13.48 -15.37 -5.32
C LEU B 182 -12.76 -16.43 -4.47
N TYR B 183 -11.94 -15.95 -3.54
CA TYR B 183 -11.21 -16.80 -2.63
C TYR B 183 -12.09 -17.22 -1.47
N SER B 184 -11.64 -18.29 -0.84
CA SER B 184 -12.23 -18.79 0.38
C SER B 184 -11.13 -19.47 1.18
N LEU B 185 -11.27 -19.49 2.49
CA LEU B 185 -10.40 -20.29 3.31
C LEU B 185 -11.05 -20.56 4.63
N SER B 186 -10.60 -21.63 5.27
CA SER B 186 -11.02 -21.97 6.61
C SER B 186 -9.80 -21.91 7.52
N SER B 187 -10.04 -21.48 8.75
CA SER B 187 -9.05 -21.59 9.80
C SER B 187 -9.66 -22.46 10.87
N VAL B 188 -8.88 -23.39 11.36
CA VAL B 188 -9.39 -24.36 12.30
C VAL B 188 -8.44 -24.47 13.49
N VAL B 189 -8.98 -24.90 14.62
CA VAL B 189 -8.17 -25.18 15.79
C VAL B 189 -8.79 -26.39 16.49
N THR B 190 -7.96 -27.22 17.13
CA THR B 190 -8.45 -28.28 18.02
C THR B 190 -8.12 -27.93 19.46
N VAL B 191 -9.06 -28.23 20.34
CA VAL B 191 -8.95 -27.88 21.75
C VAL B 191 -9.48 -29.04 22.58
N PRO B 192 -9.20 -29.05 23.90
CA PRO B 192 -9.83 -30.03 24.77
C PRO B 192 -11.33 -29.81 24.81
N SER B 193 -12.10 -30.86 24.55
CA SER B 193 -13.56 -30.75 24.52
C SER B 193 -14.14 -30.40 25.89
N SER B 194 -13.33 -30.56 26.93
CA SER B 194 -13.67 -30.12 28.30
C SER B 194 -13.67 -28.59 28.44
N SER B 195 -13.08 -27.88 27.48
CA SER B 195 -12.96 -26.42 27.51
C SER B 195 -14.13 -25.70 26.80
N LEU B 196 -14.93 -26.43 26.03
CA LEU B 196 -16.04 -25.86 25.27
C LEU B 196 -17.09 -25.13 26.10
N GLY B 197 -17.25 -25.50 27.37
CA GLY B 197 -18.19 -24.81 28.27
C GLY B 197 -17.57 -23.63 29.01
N THR B 198 -16.28 -23.39 28.82
CA THR B 198 -15.49 -22.53 29.71
C THR B 198 -14.72 -21.44 28.97
N GLN B 199 -13.88 -21.84 28.02
CA GLN B 199 -13.10 -20.89 27.23
C GLN B 199 -13.87 -20.50 25.98
N THR B 200 -13.89 -19.20 25.70
CA THR B 200 -14.52 -18.69 24.49
C THR B 200 -13.45 -18.60 23.40
N TYR B 201 -13.86 -18.90 22.17
CA TYR B 201 -12.98 -18.93 21.01
C TYR B 201 -13.52 -17.96 19.98
N ILE B 202 -12.65 -17.06 19.53
CA ILE B 202 -13.00 -15.98 18.60
C ILE B 202 -11.90 -15.93 17.55
N CYS B 203 -12.27 -16.10 16.28
CA CYS B 203 -11.32 -15.93 15.18
C CYS B 203 -11.35 -14.48 14.78
N ASN B 204 -10.15 -13.91 14.67
CA ASN B 204 -9.98 -12.50 14.35
C ASN B 204 -9.55 -12.50 12.90
N VAL B 205 -10.46 -12.08 12.04
CA VAL B 205 -10.22 -12.09 10.60
C VAL B 205 -9.95 -10.66 10.15
N ASN B 206 -8.89 -10.47 9.39
CA ASN B 206 -8.58 -9.20 8.76
C ASN B 206 -8.36 -9.36 7.25
N HIS B 207 -9.11 -8.58 6.46
CA HIS B 207 -8.92 -8.49 5.00
C HIS B 207 -8.58 -7.04 4.66
N LYS B 208 -7.31 -6.70 4.67
CA LYS B 208 -6.91 -5.31 4.54
C LYS B 208 -7.33 -4.67 3.23
N PRO B 209 -7.26 -5.44 2.11
CA PRO B 209 -7.69 -4.87 0.83
C PRO B 209 -9.11 -4.26 0.81
N SER B 210 -10.05 -4.83 1.55
CA SER B 210 -11.42 -4.31 1.62
C SER B 210 -11.76 -3.59 2.95
N ASN B 211 -10.74 -3.31 3.76
CA ASN B 211 -10.89 -2.80 5.12
C ASN B 211 -11.88 -3.61 5.98
N THR B 212 -11.91 -4.92 5.80
CA THR B 212 -12.76 -5.79 6.62
C THR B 212 -12.05 -6.32 7.86
N LYS B 213 -12.69 -6.17 9.01
CA LYS B 213 -12.17 -6.66 10.29
C LYS B 213 -13.34 -7.30 11.03
N VAL B 214 -13.29 -8.62 11.17
CA VAL B 214 -14.36 -9.36 11.85
C VAL B 214 -13.79 -10.15 13.01
N ASP B 215 -14.48 -10.11 14.14
CA ASP B 215 -14.25 -11.01 15.26
C ASP B 215 -15.54 -11.81 15.46
N LYS B 216 -15.43 -13.13 15.29
CA LYS B 216 -16.58 -14.06 15.32
C LYS B 216 -16.36 -15.10 16.41
N LYS B 217 -17.29 -15.15 17.37
CA LYS B 217 -17.26 -16.12 18.45
C LYS B 217 -17.81 -17.46 17.94
N VAL B 218 -17.05 -18.52 18.15
CA VAL B 218 -17.50 -19.83 17.71
C VAL B 218 -18.07 -20.60 18.91
N GLU B 219 -19.39 -20.79 18.93
CA GLU B 219 -20.08 -21.53 19.99
C GLU B 219 -20.54 -22.91 19.53
N PRO B 220 -20.77 -23.84 20.47
CA PRO B 220 -21.31 -25.13 20.06
C PRO B 220 -22.74 -25.02 19.53
N SER C 21 44.83 -3.58 -7.29
CA SER C 21 44.09 -2.38 -7.80
C SER C 21 43.64 -2.59 -9.24
N SER C 22 44.54 -3.10 -10.09
CA SER C 22 44.18 -3.47 -11.46
C SER C 22 43.47 -4.83 -11.49
N PRO C 23 42.21 -4.88 -11.98
CA PRO C 23 41.63 -6.19 -12.23
C PRO C 23 42.31 -6.90 -13.41
N SER C 24 42.32 -8.22 -13.37
CA SER C 24 42.74 -9.03 -14.52
C SER C 24 41.56 -9.88 -15.01
N GLU C 25 41.23 -9.72 -16.29
CA GLU C 25 40.11 -10.40 -16.94
C GLU C 25 38.75 -10.15 -16.26
N GLY C 26 38.61 -9.02 -15.57
CA GLY C 26 37.36 -8.63 -14.89
C GLY C 26 37.15 -9.25 -13.51
N LEU C 27 38.17 -9.92 -12.99
CA LEU C 27 38.13 -10.52 -11.65
C LEU C 27 39.18 -9.85 -10.77
N CYS C 28 38.84 -9.66 -9.50
CA CYS C 28 39.78 -9.10 -8.51
C CYS C 28 40.36 -10.20 -7.62
N PRO C 29 41.51 -9.95 -6.98
CA PRO C 29 42.11 -11.02 -6.14
C PRO C 29 41.35 -11.29 -4.82
N PRO C 30 41.69 -12.39 -4.13
CA PRO C 30 41.19 -12.63 -2.79
C PRO C 30 41.51 -11.46 -1.86
N GLY C 31 40.58 -11.12 -0.97
CA GLY C 31 40.75 -9.98 -0.08
C GLY C 31 40.29 -8.67 -0.69
N HIS C 32 39.68 -8.74 -1.87
CA HIS C 32 39.26 -7.54 -2.60
C HIS C 32 37.93 -7.79 -3.30
N HIS C 33 37.20 -6.71 -3.55
CA HIS C 33 36.01 -6.74 -4.41
C HIS C 33 36.25 -5.78 -5.61
N ILE C 34 35.44 -5.91 -6.66
CA ILE C 34 35.60 -5.02 -7.82
C ILE C 34 34.78 -3.74 -7.64
N SER C 35 35.21 -2.66 -8.27
CA SER C 35 34.47 -1.40 -8.23
C SER C 35 33.30 -1.46 -9.20
N GLU C 36 32.41 -0.46 -9.12
CA GLU C 36 31.18 -0.42 -9.90
C GLU C 36 31.42 -0.19 -11.41
N ASP C 37 32.57 0.43 -11.74
CA ASP C 37 32.95 0.69 -13.14
C ASP C 37 33.95 -0.35 -13.68
N GLY C 38 34.28 -1.35 -12.86
CA GLY C 38 35.11 -2.47 -13.28
C GLY C 38 36.58 -2.18 -13.44
N ARG C 39 37.05 -1.03 -12.94
CA ARG C 39 38.41 -0.57 -13.19
C ARG C 39 39.32 -0.52 -11.95
N ASP C 40 38.76 -0.79 -10.77
CA ASP C 40 39.55 -0.80 -9.53
C ASP C 40 39.24 -2.05 -8.70
N CYS C 41 40.25 -2.51 -7.97
CA CYS C 41 40.13 -3.60 -7.02
C CYS C 41 40.29 -3.05 -5.61
N ILE C 42 39.23 -3.17 -4.81
CA ILE C 42 39.15 -2.49 -3.52
C ILE C 42 39.26 -3.50 -2.38
N SER C 43 40.10 -3.19 -1.39
CA SER C 43 40.38 -4.10 -0.29
C SER C 43 39.18 -4.27 0.62
N CYS C 44 38.85 -5.53 0.95
CA CYS C 44 37.91 -5.85 2.01
C CYS C 44 38.36 -5.19 3.31
N LYS C 45 37.41 -5.00 4.22
CA LYS C 45 37.70 -4.40 5.52
C LYS C 45 38.05 -5.51 6.51
N TYR C 46 39.31 -5.55 6.92
CA TYR C 46 39.87 -6.57 7.83
C TYR C 46 39.07 -6.63 9.14
N GLY C 47 38.71 -7.85 9.56
CA GLY C 47 37.86 -8.07 10.73
C GLY C 47 36.38 -7.80 10.54
N GLN C 48 35.96 -7.43 9.34
CA GLN C 48 34.56 -7.12 9.02
C GLN C 48 34.06 -7.94 7.82
N ASP C 49 34.90 -8.06 6.79
CA ASP C 49 34.55 -8.86 5.62
C ASP C 49 35.75 -9.48 4.89
N TYR C 50 35.44 -10.34 3.92
CA TYR C 50 36.42 -11.19 3.28
C TYR C 50 35.93 -11.66 1.92
N SER C 51 36.91 -12.06 1.08
CA SER C 51 36.66 -12.88 -0.11
C SER C 51 37.83 -13.86 -0.23
N THR C 52 37.54 -15.08 -0.64
CA THR C 52 38.52 -16.17 -0.64
C THR C 52 39.10 -16.48 -2.02
N HIS C 53 38.54 -15.87 -3.06
CA HIS C 53 38.91 -16.24 -4.44
C HIS C 53 38.80 -15.08 -5.44
N TRP C 54 39.24 -15.34 -6.65
CA TRP C 54 39.17 -14.36 -7.75
C TRP C 54 37.72 -14.15 -8.20
N ASN C 55 37.20 -12.97 -7.92
CA ASN C 55 35.76 -12.71 -8.04
C ASN C 55 35.45 -11.38 -8.75
N ASP C 56 34.21 -11.26 -9.20
CA ASP C 56 33.71 -9.98 -9.72
C ASP C 56 32.56 -9.46 -8.85
N LEU C 57 32.52 -9.88 -7.59
CA LEU C 57 31.55 -9.35 -6.65
C LEU C 57 31.82 -7.88 -6.39
N LEU C 58 30.74 -7.11 -6.24
CA LEU C 58 30.83 -5.69 -5.91
C LEU C 58 30.93 -5.46 -4.41
N PHE C 59 30.75 -6.53 -3.62
CA PHE C 59 30.88 -6.49 -2.17
C PHE C 59 31.65 -7.70 -1.63
N CYS C 60 32.42 -7.49 -0.58
CA CYS C 60 33.05 -8.60 0.15
C CYS C 60 32.00 -9.25 1.05
N LEU C 61 32.30 -10.47 1.47
CA LEU C 61 31.37 -11.28 2.26
C LEU C 61 31.53 -11.03 3.76
N ARG C 62 30.41 -11.03 4.47
CA ARG C 62 30.38 -10.79 5.91
C ARG C 62 30.99 -11.93 6.72
N CYS C 63 31.95 -11.59 7.59
CA CYS C 63 32.58 -12.58 8.49
C CYS C 63 31.56 -13.18 9.46
N THR C 64 31.66 -14.48 9.69
CA THR C 64 30.75 -15.19 10.61
C THR C 64 31.17 -14.93 12.05
N ARG C 65 30.22 -14.57 12.90
CA ARG C 65 30.55 -14.38 14.31
C ARG C 65 30.21 -15.66 15.08
N CYS C 66 31.16 -16.15 15.88
CA CYS C 66 30.90 -17.27 16.79
C CYS C 66 30.19 -16.67 18.00
N ASP C 67 28.87 -16.77 18.02
CA ASP C 67 28.07 -16.06 19.01
C ASP C 67 28.18 -16.63 20.43
N SER C 68 27.35 -17.64 20.74
CA SER C 68 27.19 -18.13 22.13
C SER C 68 27.62 -19.59 22.31
N GLY C 69 27.10 -20.48 21.46
CA GLY C 69 27.44 -21.90 21.53
C GLY C 69 28.86 -22.22 21.10
N GLU C 70 29.49 -21.30 20.36
CA GLU C 70 30.79 -21.52 19.75
C GLU C 70 31.76 -20.39 20.12
N VAL C 71 33.03 -20.74 20.31
CA VAL C 71 34.10 -19.74 20.52
C VAL C 71 35.01 -19.64 19.30
N GLU C 72 35.66 -18.50 19.13
CA GLU C 72 36.54 -18.26 17.98
C GLU C 72 37.84 -19.06 18.07
N LEU C 73 38.11 -19.85 17.03
CA LEU C 73 39.39 -20.55 16.87
C LEU C 73 40.40 -19.65 16.17
N SER C 74 39.97 -19.01 15.08
CA SER C 74 40.84 -18.13 14.28
C SER C 74 40.08 -16.91 13.77
N PRO C 75 40.72 -15.72 13.81
CA PRO C 75 39.99 -14.50 13.41
C PRO C 75 39.73 -14.38 11.90
N CYS C 76 38.75 -13.55 11.54
CA CYS C 76 38.52 -13.22 10.13
C CYS C 76 39.64 -12.31 9.61
N THR C 77 40.20 -12.65 8.45
CA THR C 77 41.11 -11.74 7.72
C THR C 77 40.37 -11.37 6.44
N THR C 78 41.04 -10.64 5.55
CA THR C 78 40.44 -10.27 4.27
C THR C 78 40.26 -11.46 3.32
N THR C 79 41.08 -12.50 3.46
CA THR C 79 41.03 -13.66 2.55
C THR C 79 40.45 -14.92 3.21
N ARG C 80 40.06 -14.82 4.48
CA ARG C 80 39.68 -15.99 5.25
C ARG C 80 38.58 -15.64 6.24
N ASN C 81 37.47 -16.36 6.16
CA ASN C 81 36.43 -16.22 7.17
C ASN C 81 36.95 -16.74 8.50
N THR C 82 36.40 -16.21 9.59
CA THR C 82 36.72 -16.69 10.92
C THR C 82 36.30 -18.16 11.07
N VAL C 83 37.04 -18.90 11.87
CA VAL C 83 36.78 -20.32 12.10
C VAL C 83 36.40 -20.49 13.57
N CYS C 84 35.29 -21.19 13.80
CA CYS C 84 34.80 -21.43 15.14
C CYS C 84 35.12 -22.84 15.59
N GLN C 85 35.12 -23.02 16.92
CA GLN C 85 35.08 -24.33 17.53
C GLN C 85 34.12 -24.26 18.73
N CYS C 86 33.53 -25.39 19.08
CA CYS C 86 32.63 -25.44 20.23
C CYS C 86 33.42 -25.25 21.52
N GLU C 87 32.78 -24.64 22.52
CA GLU C 87 33.43 -24.43 23.81
C GLU C 87 33.73 -25.78 24.48
N GLU C 88 34.67 -25.75 25.42
CA GLU C 88 34.97 -26.90 26.26
C GLU C 88 33.69 -27.43 26.91
N GLY C 89 33.49 -28.74 26.83
CA GLY C 89 32.26 -29.37 27.31
C GLY C 89 31.43 -29.95 26.17
N THR C 90 31.56 -29.36 24.98
CA THR C 90 30.86 -29.81 23.77
C THR C 90 31.86 -30.16 22.68
N PHE C 91 31.41 -30.97 21.71
CA PHE C 91 32.30 -31.44 20.64
C PHE C 91 31.62 -31.57 19.26
N ARG C 92 32.45 -31.48 18.22
CA ARG C 92 32.04 -31.74 16.83
C ARG C 92 33.24 -32.32 16.09
N GLU C 93 33.02 -33.38 15.31
CA GLU C 93 34.11 -34.10 14.63
C GLU C 93 34.75 -33.28 13.50
N GLU C 94 35.73 -33.89 12.82
CA GLU C 94 36.60 -33.19 11.85
C GLU C 94 35.84 -32.40 10.77
N ASP C 95 35.26 -33.09 9.80
CA ASP C 95 34.45 -32.46 8.77
C ASP C 95 32.97 -32.69 9.04
N SER C 96 32.61 -32.86 10.32
CA SER C 96 31.24 -33.16 10.71
C SER C 96 30.31 -31.97 10.45
N PRO C 97 29.27 -32.17 9.62
CA PRO C 97 28.25 -31.13 9.41
C PRO C 97 27.15 -31.11 10.48
N GLU C 98 27.24 -32.01 11.46
CA GLU C 98 26.25 -32.10 12.54
C GLU C 98 26.36 -30.90 13.48
N MET C 99 25.28 -30.66 14.24
CA MET C 99 25.26 -29.61 15.26
C MET C 99 26.07 -30.08 16.46
N CYS C 100 26.44 -29.14 17.32
CA CYS C 100 27.35 -29.44 18.41
C CYS C 100 26.63 -29.99 19.65
N ARG C 101 27.05 -31.16 20.11
CA ARG C 101 26.41 -31.87 21.23
C ARG C 101 27.33 -31.96 22.44
N LYS C 102 26.77 -32.30 23.59
CA LYS C 102 27.51 -32.36 24.86
C LYS C 102 28.36 -33.62 25.00
N CYS C 103 29.56 -33.45 25.55
CA CYS C 103 30.45 -34.58 25.89
C CYS C 103 29.94 -35.33 27.11
N ARG C 104 30.03 -36.66 27.07
CA ARG C 104 29.79 -37.46 28.27
C ARG C 104 30.91 -37.15 29.27
N THR C 105 30.58 -37.21 30.56
CA THR C 105 31.54 -36.91 31.63
C THR C 105 32.17 -38.18 32.20
N GLY C 106 31.46 -39.29 32.10
CA GLY C 106 31.98 -40.60 32.48
C GLY C 106 31.45 -41.72 31.60
N CYS C 107 32.20 -42.82 31.53
CA CYS C 107 31.78 -43.98 30.77
C CYS C 107 30.62 -44.70 31.47
N PRO C 108 29.82 -45.47 30.70
CA PRO C 108 28.72 -46.24 31.29
C PRO C 108 29.20 -47.26 32.32
N ARG C 109 28.23 -47.88 33.00
CA ARG C 109 28.51 -48.76 34.12
C ARG C 109 29.17 -50.07 33.67
N GLY C 110 30.47 -50.16 33.91
CA GLY C 110 31.27 -51.32 33.51
C GLY C 110 32.21 -51.05 32.34
N MET C 111 32.74 -49.83 32.28
CA MET C 111 33.71 -49.43 31.26
C MET C 111 34.69 -48.41 31.85
N VAL C 112 35.78 -48.15 31.14
CA VAL C 112 36.84 -47.25 31.61
C VAL C 112 37.16 -46.21 30.53
N LYS C 113 37.71 -45.07 30.97
CA LYS C 113 38.07 -43.99 30.06
C LYS C 113 39.45 -44.21 29.45
N VAL C 114 39.55 -44.06 28.13
CA VAL C 114 40.83 -44.20 27.41
C VAL C 114 41.03 -43.05 26.42
N GLY C 115 40.52 -41.88 26.79
CA GLY C 115 40.54 -40.70 25.90
C GLY C 115 39.64 -39.61 26.43
N ASP C 116 40.18 -38.39 26.50
CA ASP C 116 39.46 -37.26 27.10
C ASP C 116 38.66 -36.49 26.05
N CYS C 117 37.74 -35.64 26.52
CA CYS C 117 36.89 -34.84 25.64
C CYS C 117 37.59 -33.54 25.24
N THR C 118 37.48 -33.20 23.95
CA THR C 118 37.96 -31.94 23.41
C THR C 118 36.87 -31.29 22.53
N PRO C 119 37.11 -30.07 22.03
CA PRO C 119 36.37 -29.59 20.86
C PRO C 119 36.26 -30.58 19.69
N TRP C 120 37.25 -31.46 19.53
CA TRP C 120 37.32 -32.40 18.40
C TRP C 120 36.48 -33.66 18.57
N SER C 121 36.44 -34.22 19.79
CA SER C 121 35.70 -35.47 20.01
C SER C 121 35.11 -35.64 21.41
N ASP C 122 34.32 -36.70 21.55
CA ASP C 122 33.76 -37.14 22.82
C ASP C 122 34.84 -37.88 23.61
N ILE C 123 34.52 -38.21 24.86
CA ILE C 123 35.34 -39.15 25.64
C ILE C 123 35.32 -40.53 24.97
N GLU C 124 36.44 -41.21 25.01
CA GLU C 124 36.58 -42.55 24.44
C GLU C 124 36.48 -43.55 25.58
N CYS C 125 35.70 -44.61 25.37
CA CYS C 125 35.53 -45.66 26.37
C CYS C 125 35.93 -47.04 25.84
N VAL C 126 36.04 -48.00 26.76
CA VAL C 126 36.31 -49.40 26.40
C VAL C 126 35.89 -50.30 27.57
N HIS C 127 35.50 -51.54 27.25
CA HIS C 127 34.99 -52.50 28.23
C HIS C 127 36.07 -53.04 29.17
N LYS C 128 35.68 -54.02 30.01
CA LYS C 128 36.62 -54.80 30.84
C LYS C 128 36.33 -56.29 30.70
N ASP D 1 -4.91 27.17 23.68
CA ASP D 1 -4.65 27.48 22.24
C ASP D 1 -5.24 28.84 21.83
N ILE D 2 -4.90 29.27 20.61
CA ILE D 2 -5.35 30.56 20.09
C ILE D 2 -6.32 30.33 18.93
N GLN D 3 -7.54 30.84 19.07
CA GLN D 3 -8.53 30.82 17.99
C GLN D 3 -8.27 31.96 17.01
N MET D 4 -8.31 31.67 15.72
CA MET D 4 -8.31 32.69 14.68
C MET D 4 -9.69 32.70 14.05
N THR D 5 -10.33 33.87 14.04
CA THR D 5 -11.70 34.03 13.57
C THR D 5 -11.69 34.97 12.36
N GLN D 6 -11.92 34.41 11.17
CA GLN D 6 -11.90 35.18 9.93
C GLN D 6 -13.28 35.70 9.62
N SER D 7 -13.32 36.90 9.02
CA SER D 7 -14.57 37.48 8.56
C SER D 7 -14.42 38.21 7.20
N PRO D 8 -15.41 38.08 6.30
CA PRO D 8 -16.62 37.26 6.42
C PRO D 8 -16.33 35.78 6.14
N SER D 9 -17.34 34.92 6.34
CA SER D 9 -17.23 33.49 6.00
C SER D 9 -17.17 33.31 4.48
N SER D 10 -18.03 34.03 3.76
CA SER D 10 -18.00 34.06 2.30
C SER D 10 -18.35 35.44 1.78
N LEU D 11 -17.83 35.75 0.59
CA LEU D 11 -18.23 36.96 -0.15
C LEU D 11 -18.20 36.74 -1.67
N SER D 12 -19.05 37.49 -2.36
CA SER D 12 -19.06 37.55 -3.82
C SER D 12 -18.60 38.93 -4.25
N ALA D 13 -17.78 38.99 -5.29
CA ALA D 13 -17.25 40.26 -5.80
C ALA D 13 -17.05 40.21 -7.31
N SER D 14 -16.87 41.39 -7.90
CA SER D 14 -16.60 41.52 -9.34
C SER D 14 -15.09 41.67 -9.58
N VAL D 15 -14.67 41.36 -10.80
CA VAL D 15 -13.28 41.61 -11.23
C VAL D 15 -13.02 43.12 -11.20
N GLY D 16 -12.04 43.53 -10.39
CA GLY D 16 -11.67 44.94 -10.26
C GLY D 16 -12.05 45.57 -8.93
N ASP D 17 -12.93 44.90 -8.18
CA ASP D 17 -13.36 45.36 -6.86
C ASP D 17 -12.24 45.31 -5.83
N ARG D 18 -12.37 46.17 -4.84
CA ARG D 18 -11.50 46.13 -3.67
C ARG D 18 -12.11 45.16 -2.65
N VAL D 19 -11.37 44.12 -2.30
CA VAL D 19 -11.81 43.11 -1.32
C VAL D 19 -10.96 43.11 -0.05
N THR D 20 -11.64 43.10 1.11
CA THR D 20 -10.99 43.14 2.43
C THR D 20 -11.39 41.95 3.31
N ILE D 21 -10.41 41.10 3.64
CA ILE D 21 -10.61 39.98 4.55
C ILE D 21 -9.87 40.28 5.84
N THR D 22 -10.52 40.08 6.98
CA THR D 22 -9.93 40.36 8.29
C THR D 22 -9.86 39.08 9.12
N CYS D 23 -8.77 38.95 9.87
CA CYS D 23 -8.60 37.85 10.80
C CYS D 23 -8.46 38.45 12.19
N ARG D 24 -9.11 37.83 13.16
CA ARG D 24 -9.03 38.27 14.56
C ARG D 24 -8.53 37.14 15.44
N ALA D 25 -7.43 37.38 16.14
CA ALA D 25 -6.92 36.43 17.12
C ALA D 25 -7.67 36.61 18.42
N SER D 26 -7.54 35.66 19.33
CA SER D 26 -8.05 35.80 20.69
C SER D 26 -6.95 36.32 21.65
N GLN D 27 -5.74 36.48 21.13
CA GLN D 27 -4.60 36.97 21.90
C GLN D 27 -3.72 37.89 21.07
N ASP D 28 -2.80 38.58 21.75
CA ASP D 28 -1.76 39.35 21.07
C ASP D 28 -0.82 38.35 20.38
N VAL D 29 -0.64 38.55 19.08
CA VAL D 29 0.20 37.69 18.25
C VAL D 29 1.34 38.51 17.62
N SER D 30 1.47 39.77 18.07
CA SER D 30 2.29 40.78 17.38
C SER D 30 2.11 40.77 15.86
N THR D 31 3.15 40.45 15.09
CA THR D 31 3.04 40.38 13.62
C THR D 31 3.28 38.96 13.09
N ALA D 32 3.00 37.96 13.92
CA ALA D 32 3.29 36.57 13.57
C ALA D 32 2.09 35.92 12.86
N VAL D 33 1.68 36.53 11.75
CA VAL D 33 0.50 36.08 10.99
C VAL D 33 0.86 35.86 9.52
N ALA D 34 0.28 34.82 8.93
CA ALA D 34 0.44 34.55 7.52
C ALA D 34 -0.93 34.38 6.88
N TRP D 35 -0.97 34.44 5.55
CA TRP D 35 -2.19 34.23 4.76
C TRP D 35 -1.91 33.22 3.67
N TYR D 36 -2.88 32.33 3.44
CA TYR D 36 -2.75 31.30 2.42
C TYR D 36 -3.90 31.41 1.42
N GLN D 37 -3.68 30.87 0.24
CA GLN D 37 -4.72 30.78 -0.78
C GLN D 37 -4.89 29.33 -1.16
N GLN D 38 -6.12 28.87 -1.28
CA GLN D 38 -6.41 27.49 -1.69
C GLN D 38 -7.55 27.47 -2.69
N LYS D 39 -7.35 26.76 -3.79
CA LYS D 39 -8.39 26.56 -4.80
C LYS D 39 -8.89 25.13 -4.69
N PRO D 40 -10.14 24.87 -5.13
CA PRO D 40 -10.71 23.53 -4.99
C PRO D 40 -9.83 22.44 -5.59
N GLY D 41 -9.68 21.35 -4.85
CA GLY D 41 -8.86 20.22 -5.27
C GLY D 41 -7.36 20.45 -5.26
N LYS D 42 -6.92 21.57 -4.69
CA LYS D 42 -5.52 21.99 -4.76
C LYS D 42 -4.99 22.27 -3.35
N ALA D 43 -3.67 22.23 -3.21
CA ALA D 43 -3.04 22.50 -1.93
C ALA D 43 -2.98 24.01 -1.64
N PRO D 44 -2.99 24.39 -0.36
CA PRO D 44 -2.74 25.79 -0.02
C PRO D 44 -1.43 26.34 -0.59
N LYS D 45 -1.40 27.66 -0.78
CA LYS D 45 -0.21 28.35 -1.24
C LYS D 45 0.05 29.57 -0.37
N LEU D 46 1.30 29.76 0.05
CA LEU D 46 1.69 30.91 0.86
C LEU D 46 1.63 32.20 0.03
N LEU D 47 0.93 33.20 0.57
CA LEU D 47 0.86 34.54 -0.01
C LEU D 47 1.76 35.53 0.71
N ILE D 48 1.53 35.61 2.02
CA ILE D 48 2.07 36.63 2.88
C ILE D 48 2.52 35.99 4.19
N TYR D 49 3.66 36.42 4.71
CA TYR D 49 4.18 35.94 5.99
C TYR D 49 4.60 37.15 6.81
N SER D 50 4.65 37.01 8.13
CA SER D 50 5.03 38.08 9.05
C SER D 50 4.10 39.30 8.92
N ALA D 51 2.81 39.01 8.72
CA ALA D 51 1.72 40.00 8.75
C ALA D 51 1.54 40.83 7.47
N SER D 52 2.64 41.33 6.89
CA SER D 52 2.57 42.23 5.74
C SER D 52 3.60 42.01 4.63
N PHE D 53 4.42 40.95 4.74
CA PHE D 53 5.48 40.68 3.75
C PHE D 53 5.05 39.63 2.73
N LEU D 54 5.30 39.93 1.45
CA LEU D 54 4.84 39.08 0.35
C LEU D 54 5.83 37.94 0.11
N TYR D 55 5.26 36.76 -0.15
CA TYR D 55 6.01 35.59 -0.56
C TYR D 55 6.31 35.69 -2.06
N SER D 56 7.29 34.93 -2.53
CA SER D 56 7.77 34.99 -3.92
C SER D 56 6.67 34.77 -4.97
N GLY D 57 6.71 35.60 -6.02
CA GLY D 57 5.78 35.47 -7.14
C GLY D 57 4.35 35.92 -6.88
N VAL D 58 4.13 36.54 -5.71
CA VAL D 58 2.78 36.97 -5.33
C VAL D 58 2.60 38.37 -5.87
N PRO D 59 1.52 38.59 -6.65
CA PRO D 59 1.38 39.90 -7.28
C PRO D 59 1.15 41.02 -6.26
N SER D 60 1.53 42.23 -6.67
CA SER D 60 1.52 43.43 -5.82
C SER D 60 0.13 43.93 -5.41
N ARG D 61 -0.90 43.42 -6.07
CA ARG D 61 -2.29 43.73 -5.67
C ARG D 61 -2.64 43.12 -4.31
N PHE D 62 -1.90 42.08 -3.91
CA PHE D 62 -2.06 41.50 -2.58
C PHE D 62 -1.30 42.29 -1.53
N SER D 63 -1.95 42.48 -0.39
CA SER D 63 -1.41 43.29 0.70
C SER D 63 -1.89 42.74 2.03
N GLY D 64 -0.96 42.62 2.97
CA GLY D 64 -1.29 42.23 4.33
C GLY D 64 -0.96 43.38 5.26
N SER D 65 -1.76 43.55 6.30
CA SER D 65 -1.48 44.55 7.34
C SER D 65 -1.94 44.07 8.70
N GLY D 66 -1.34 44.61 9.76
CA GLY D 66 -1.83 44.39 11.11
C GLY D 66 -0.74 44.14 12.13
N SER D 67 -1.15 44.20 13.39
CA SER D 67 -0.31 43.83 14.52
C SER D 67 -1.17 43.62 15.77
N GLY D 68 -0.77 42.66 16.59
CA GLY D 68 -1.45 42.37 17.85
C GLY D 68 -2.62 41.41 17.71
N THR D 69 -3.82 41.97 17.58
CA THR D 69 -5.07 41.19 17.49
C THR D 69 -5.73 41.26 16.10
N ASP D 70 -5.76 42.46 15.50
CA ASP D 70 -6.48 42.70 14.23
C ASP D 70 -5.57 42.66 13.02
N PHE D 71 -5.86 41.75 12.09
CA PHE D 71 -5.09 41.62 10.85
C PHE D 71 -6.00 41.75 9.65
N THR D 72 -5.40 41.88 8.46
CA THR D 72 -6.14 42.20 7.24
C THR D 72 -5.37 41.79 5.99
N LEU D 73 -6.05 41.07 5.10
CA LEU D 73 -5.58 40.82 3.74
C LEU D 73 -6.39 41.71 2.80
N THR D 74 -5.69 42.44 1.93
CA THR D 74 -6.32 43.34 0.99
C THR D 74 -5.94 42.94 -0.43
N ILE D 75 -6.95 42.78 -1.28
CA ILE D 75 -6.72 42.69 -2.71
C ILE D 75 -7.18 44.03 -3.30
N SER D 76 -6.22 44.81 -3.80
CA SER D 76 -6.52 46.15 -4.30
C SER D 76 -7.47 46.12 -5.49
N SER D 77 -7.21 45.21 -6.42
CA SER D 77 -8.04 45.04 -7.61
C SER D 77 -8.12 43.57 -8.00
N LEU D 78 -9.29 42.98 -7.75
CA LEU D 78 -9.55 41.56 -7.89
C LEU D 78 -9.44 41.06 -9.34
N GLN D 79 -8.62 40.03 -9.56
CA GLN D 79 -8.45 39.41 -10.88
C GLN D 79 -9.19 38.04 -10.94
N PRO D 80 -9.22 37.39 -12.13
CA PRO D 80 -9.87 36.08 -12.26
C PRO D 80 -9.13 34.94 -11.52
N GLU D 81 -7.83 35.11 -11.32
CA GLU D 81 -7.01 34.14 -10.60
C GLU D 81 -7.27 34.19 -9.09
N ASP D 82 -7.88 35.27 -8.61
CA ASP D 82 -7.93 35.55 -7.17
C ASP D 82 -9.17 34.99 -6.48
N PHE D 83 -10.09 34.41 -7.24
CA PHE D 83 -11.25 33.76 -6.67
C PHE D 83 -10.84 32.40 -6.11
N ALA D 84 -10.92 32.30 -4.79
CA ALA D 84 -10.41 31.18 -4.01
C ALA D 84 -10.84 31.35 -2.55
N THR D 85 -10.45 30.41 -1.69
CA THR D 85 -10.64 30.50 -0.24
C THR D 85 -9.33 30.94 0.39
N TYR D 86 -9.39 31.84 1.38
CA TYR D 86 -8.19 32.42 2.01
C TYR D 86 -8.13 32.08 3.50
N TYR D 87 -6.94 31.67 3.96
CA TYR D 87 -6.74 31.29 5.36
C TYR D 87 -5.71 32.17 6.05
N CYS D 88 -6.03 32.62 7.26
CA CYS D 88 -5.07 33.28 8.14
C CYS D 88 -4.46 32.21 9.05
N GLN D 89 -3.22 32.48 9.48
CA GLN D 89 -2.47 31.58 10.33
C GLN D 89 -1.67 32.43 11.31
N GLN D 90 -1.75 32.07 12.60
CA GLN D 90 -0.84 32.62 13.60
C GLN D 90 0.30 31.65 13.84
N SER D 91 1.50 32.18 14.03
CA SER D 91 2.66 31.39 14.41
C SER D 91 3.43 32.04 15.54
N TYR D 92 2.71 32.55 16.54
CA TYR D 92 3.32 33.14 17.71
C TYR D 92 3.71 32.03 18.68
N THR D 93 2.80 31.09 18.89
CA THR D 93 3.03 29.93 19.72
C THR D 93 2.89 28.62 18.93
N THR D 94 3.26 27.53 19.60
CA THR D 94 3.00 26.19 19.15
C THR D 94 1.77 25.69 19.93
N PRO D 95 0.79 25.07 19.24
CA PRO D 95 0.68 24.91 17.79
C PRO D 95 0.24 26.18 17.05
N PRO D 96 0.66 26.32 15.78
CA PRO D 96 0.09 27.34 14.94
C PRO D 96 -1.34 26.95 14.59
N THR D 97 -2.22 27.96 14.49
CA THR D 97 -3.63 27.71 14.25
C THR D 97 -4.12 28.53 13.08
N PHE D 98 -5.15 28.01 12.45
CA PHE D 98 -5.72 28.61 11.27
C PHE D 98 -7.12 29.08 11.57
N GLY D 99 -7.56 30.11 10.85
CA GLY D 99 -8.96 30.50 10.84
C GLY D 99 -9.75 29.54 9.97
N GLN D 100 -11.07 29.70 9.92
CA GLN D 100 -11.93 28.75 9.23
C GLN D 100 -12.07 29.03 7.74
N GLY D 101 -11.45 30.11 7.26
CA GLY D 101 -11.46 30.44 5.84
C GLY D 101 -12.47 31.50 5.40
N THR D 102 -12.11 32.25 4.37
CA THR D 102 -13.01 33.15 3.66
C THR D 102 -13.04 32.77 2.18
N LYS D 103 -14.21 32.37 1.69
CA LYS D 103 -14.37 32.03 0.26
C LYS D 103 -14.71 33.27 -0.55
N VAL D 104 -13.91 33.55 -1.57
CA VAL D 104 -14.13 34.70 -2.44
C VAL D 104 -14.63 34.15 -3.77
N GLU D 105 -15.95 34.27 -3.98
CA GLU D 105 -16.60 33.81 -5.20
C GLU D 105 -16.89 35.00 -6.11
N ILE D 106 -17.19 34.73 -7.37
CA ILE D 106 -17.34 35.78 -8.38
C ILE D 106 -18.83 36.14 -8.60
N LYS D 107 -19.11 37.45 -8.59
CA LYS D 107 -20.46 37.98 -8.75
C LYS D 107 -20.79 38.17 -10.23
N ARG D 108 -22.03 37.86 -10.60
CA ARG D 108 -22.51 38.02 -11.98
C ARG D 108 -24.03 38.29 -12.02
N THR D 109 -24.58 38.40 -13.22
CA THR D 109 -26.00 38.67 -13.38
C THR D 109 -26.81 37.44 -13.01
N VAL D 110 -28.07 37.63 -12.64
CA VAL D 110 -28.97 36.52 -12.32
C VAL D 110 -29.13 35.68 -13.56
N ALA D 111 -29.16 34.37 -13.38
CA ALA D 111 -29.43 33.42 -14.46
C ALA D 111 -30.29 32.32 -13.91
N ALA D 112 -31.43 32.09 -14.55
CA ALA D 112 -32.39 31.08 -14.15
C ALA D 112 -31.89 29.70 -14.51
N PRO D 113 -32.11 28.70 -13.63
CA PRO D 113 -31.72 27.33 -13.96
C PRO D 113 -32.58 26.70 -15.06
N SER D 114 -31.98 25.75 -15.76
CA SER D 114 -32.74 24.83 -16.58
C SER D 114 -32.91 23.61 -15.70
N VAL D 115 -34.17 23.17 -15.56
CA VAL D 115 -34.52 22.06 -14.70
C VAL D 115 -34.78 20.81 -15.55
N PHE D 116 -34.32 19.66 -15.06
CA PHE D 116 -34.61 18.35 -15.65
C PHE D 116 -34.93 17.37 -14.53
N ILE D 117 -35.76 16.39 -14.85
CA ILE D 117 -36.07 15.33 -13.92
C ILE D 117 -35.77 13.95 -14.54
N PHE D 118 -35.26 13.04 -13.70
CA PHE D 118 -34.82 11.71 -14.15
C PHE D 118 -35.45 10.62 -13.28
N PRO D 119 -36.32 9.79 -13.89
CA PRO D 119 -36.82 8.63 -13.15
C PRO D 119 -35.72 7.59 -12.83
N PRO D 120 -36.00 6.66 -11.89
CA PRO D 120 -35.07 5.54 -11.71
C PRO D 120 -34.92 4.75 -13.00
N SER D 121 -33.74 4.21 -13.23
CA SER D 121 -33.54 3.31 -14.36
C SER D 121 -34.10 1.96 -13.94
N ASP D 122 -34.53 1.18 -14.93
CA ASP D 122 -35.03 -0.17 -14.69
C ASP D 122 -33.98 -1.05 -13.98
N GLU D 123 -32.69 -0.83 -14.26
CA GLU D 123 -31.57 -1.54 -13.62
C GLU D 123 -31.52 -1.38 -12.10
N GLN D 124 -31.73 -0.15 -11.64
CA GLN D 124 -31.70 0.15 -10.20
C GLN D 124 -32.93 -0.38 -9.47
N LEU D 125 -34.09 -0.28 -10.13
CA LEU D 125 -35.33 -0.86 -9.62
C LEU D 125 -35.21 -2.35 -9.31
N LYS D 126 -34.49 -3.09 -10.16
CA LYS D 126 -34.26 -4.53 -9.95
C LYS D 126 -33.51 -4.81 -8.64
N SER D 127 -32.59 -3.92 -8.28
CA SER D 127 -31.84 -4.04 -7.02
C SER D 127 -32.68 -3.70 -5.77
N GLY D 128 -33.91 -3.21 -5.96
CA GLY D 128 -34.84 -2.99 -4.85
C GLY D 128 -34.87 -1.58 -4.26
N THR D 129 -34.43 -0.59 -5.04
CA THR D 129 -34.48 0.80 -4.62
C THR D 129 -34.66 1.73 -5.83
N ALA D 130 -35.10 2.94 -5.55
CA ALA D 130 -35.39 3.93 -6.59
C ALA D 130 -34.81 5.29 -6.21
N SER D 131 -33.93 5.81 -7.06
CA SER D 131 -33.46 7.17 -6.90
C SER D 131 -34.03 8.01 -8.04
N VAL D 132 -34.69 9.11 -7.68
CA VAL D 132 -35.21 10.08 -8.66
C VAL D 132 -34.31 11.30 -8.56
N VAL D 133 -33.81 11.79 -9.69
CA VAL D 133 -32.82 12.86 -9.70
C VAL D 133 -33.36 14.11 -10.41
N CYS D 134 -33.14 15.26 -9.77
CA CYS D 134 -33.57 16.55 -10.28
C CYS D 134 -32.31 17.38 -10.48
N LEU D 135 -32.08 17.80 -11.73
CA LEU D 135 -30.93 18.63 -12.08
C LEU D 135 -31.35 20.09 -12.30
N LEU D 136 -30.73 21.00 -11.56
CA LEU D 136 -30.83 22.44 -11.83
C LEU D 136 -29.53 22.87 -12.50
N ASN D 137 -29.61 23.33 -13.75
CA ASN D 137 -28.40 23.60 -14.52
C ASN D 137 -28.07 25.08 -14.77
N ASN D 138 -26.86 25.47 -14.41
CA ASN D 138 -26.29 26.78 -14.83
C ASN D 138 -27.11 28.01 -14.39
N PHE D 139 -27.32 28.10 -13.07
CA PHE D 139 -28.03 29.22 -12.47
C PHE D 139 -27.15 30.12 -11.59
N TYR D 140 -27.67 31.31 -11.31
CA TYR D 140 -27.03 32.24 -10.41
C TYR D 140 -28.10 33.17 -9.83
N PRO D 141 -28.05 33.48 -8.52
CA PRO D 141 -27.08 33.06 -7.50
C PRO D 141 -27.31 31.66 -6.95
N ARG D 142 -26.48 31.29 -5.99
CA ARG D 142 -26.45 29.95 -5.41
C ARG D 142 -27.77 29.55 -4.79
N GLU D 143 -28.45 30.53 -4.20
CA GLU D 143 -29.68 30.31 -3.46
C GLU D 143 -30.73 29.68 -4.38
N ALA D 144 -31.24 28.51 -3.99
CA ALA D 144 -32.17 27.72 -4.79
C ALA D 144 -33.00 26.82 -3.87
N LYS D 145 -34.31 26.84 -4.02
CA LYS D 145 -35.15 25.96 -3.20
C LYS D 145 -35.68 24.83 -4.06
N VAL D 146 -35.35 23.59 -3.68
CA VAL D 146 -35.89 22.39 -4.32
C VAL D 146 -36.84 21.67 -3.36
N GLN D 147 -38.10 21.50 -3.77
CA GLN D 147 -39.09 20.69 -3.04
C GLN D 147 -39.51 19.50 -3.89
N TRP D 148 -39.66 18.35 -3.25
CA TRP D 148 -40.19 17.14 -3.90
C TRP D 148 -41.59 16.91 -3.42
N LYS D 149 -42.44 16.51 -4.34
CA LYS D 149 -43.81 16.12 -4.06
C LYS D 149 -44.05 14.79 -4.74
N VAL D 150 -44.69 13.86 -4.03
CA VAL D 150 -45.05 12.57 -4.59
C VAL D 150 -46.56 12.42 -4.42
N ASP D 151 -47.29 12.44 -5.55
CA ASP D 151 -48.76 12.58 -5.55
C ASP D 151 -49.22 13.81 -4.74
N ASN D 152 -48.51 14.93 -4.93
CA ASN D 152 -48.73 16.19 -4.20
C ASN D 152 -48.46 16.13 -2.68
N ALA D 153 -47.92 15.01 -2.18
CA ALA D 153 -47.44 14.95 -0.80
C ALA D 153 -46.02 15.48 -0.75
N LEU D 154 -45.81 16.54 0.02
CA LEU D 154 -44.47 17.10 0.17
C LEU D 154 -43.57 16.12 0.90
N GLN D 155 -42.41 15.85 0.31
CA GLN D 155 -41.42 14.94 0.88
C GLN D 155 -40.51 15.64 1.91
N SER D 156 -40.15 14.91 2.96
CA SER D 156 -39.24 15.42 3.98
C SER D 156 -38.28 14.35 4.46
N GLY D 157 -36.99 14.69 4.41
CA GLY D 157 -35.93 13.87 5.00
C GLY D 157 -35.44 12.73 4.15
N ASN D 158 -35.86 12.69 2.87
CA ASN D 158 -35.45 11.61 1.97
C ASN D 158 -34.79 12.08 0.69
N SER D 159 -34.34 13.35 0.69
CA SER D 159 -33.54 13.87 -0.40
C SER D 159 -32.19 14.43 0.07
N GLN D 160 -31.26 14.59 -0.87
CA GLN D 160 -29.96 15.19 -0.59
C GLN D 160 -29.54 15.97 -1.80
N GLU D 161 -28.91 17.11 -1.56
CA GLU D 161 -28.45 18.01 -2.60
C GLU D 161 -26.94 18.09 -2.69
N SER D 162 -26.43 18.26 -3.91
CA SER D 162 -25.01 18.51 -4.14
C SER D 162 -24.92 19.63 -5.14
N VAL D 163 -23.94 20.48 -4.92
CA VAL D 163 -23.78 21.68 -5.68
C VAL D 163 -22.35 21.72 -6.14
N THR D 164 -22.17 22.27 -7.31
CA THR D 164 -20.95 22.30 -8.04
C THR D 164 -20.23 23.62 -7.68
N GLU D 165 -18.92 23.70 -7.90
CA GLU D 165 -18.23 24.97 -7.80
C GLU D 165 -18.67 25.88 -8.93
N GLN D 166 -18.52 27.18 -8.75
CA GLN D 166 -18.86 28.15 -9.76
C GLN D 166 -18.16 27.77 -11.07
N ASP D 167 -18.87 27.86 -12.20
CA ASP D 167 -18.31 27.38 -13.48
C ASP D 167 -17.15 28.28 -13.92
N SER D 168 -16.21 27.68 -14.63
CA SER D 168 -14.97 28.38 -15.04
C SER D 168 -15.21 29.35 -16.20
N LYS D 169 -16.23 29.07 -17.01
CA LYS D 169 -16.55 29.88 -18.19
C LYS D 169 -17.61 30.94 -17.85
N ASP D 170 -18.71 30.53 -17.25
CA ASP D 170 -19.87 31.41 -17.06
C ASP D 170 -20.20 31.81 -15.63
N SER D 171 -19.46 31.26 -14.66
CA SER D 171 -19.59 31.59 -13.22
C SER D 171 -20.92 31.16 -12.56
N THR D 172 -21.61 30.19 -13.16
CA THR D 172 -22.91 29.74 -12.64
C THR D 172 -22.69 28.53 -11.72
N TYR D 173 -23.77 28.04 -11.11
CA TYR D 173 -23.78 26.81 -10.34
C TYR D 173 -24.74 25.85 -11.02
N SER D 174 -24.65 24.59 -10.61
CA SER D 174 -25.66 23.58 -10.90
C SER D 174 -25.83 22.75 -9.63
N LEU D 175 -27.02 22.21 -9.44
CA LEU D 175 -27.23 21.30 -8.34
C LEU D 175 -28.09 20.11 -8.70
N SER D 176 -27.78 18.99 -8.05
CA SER D 176 -28.62 17.80 -8.10
C SER D 176 -29.30 17.65 -6.75
N SER D 177 -30.59 17.38 -6.79
CA SER D 177 -31.32 16.87 -5.66
C SER D 177 -31.66 15.45 -6.05
N THR D 178 -31.49 14.53 -5.12
CA THR D 178 -31.75 13.13 -5.34
C THR D 178 -32.68 12.70 -4.24
N LEU D 179 -33.79 12.10 -4.65
CA LEU D 179 -34.81 11.59 -3.76
C LEU D 179 -34.67 10.09 -3.73
N THR D 180 -34.54 9.50 -2.55
CA THR D 180 -34.35 8.04 -2.47
C THR D 180 -35.57 7.35 -1.83
N LEU D 181 -36.09 6.37 -2.53
CA LEU D 181 -37.20 5.56 -2.06
C LEU D 181 -36.87 4.07 -2.22
N SER D 182 -37.51 3.23 -1.41
CA SER D 182 -37.52 1.81 -1.69
C SER D 182 -38.29 1.63 -2.99
N LYS D 183 -38.00 0.52 -3.67
CA LYS D 183 -38.73 0.10 -4.87
C LYS D 183 -40.23 -0.05 -4.57
N ALA D 184 -40.56 -0.61 -3.39
CA ALA D 184 -41.96 -0.82 -2.98
C ALA D 184 -42.70 0.50 -2.72
N ASP D 185 -42.04 1.44 -2.04
CA ASP D 185 -42.64 2.75 -1.81
C ASP D 185 -42.75 3.52 -3.13
N TYR D 186 -41.74 3.37 -4.00
CA TYR D 186 -41.77 3.99 -5.33
C TYR D 186 -42.99 3.54 -6.14
N GLU D 187 -43.21 2.23 -6.19
CA GLU D 187 -44.26 1.65 -7.03
C GLU D 187 -45.68 1.84 -6.48
N LYS D 188 -45.81 2.49 -5.33
CA LYS D 188 -47.12 2.80 -4.74
C LYS D 188 -47.69 4.19 -5.08
N HIS D 189 -46.99 4.96 -5.92
CA HIS D 189 -47.36 6.34 -6.22
C HIS D 189 -47.19 6.67 -7.71
N LYS D 190 -47.95 7.65 -8.21
CA LYS D 190 -47.97 7.94 -9.65
C LYS D 190 -47.09 9.12 -10.02
N VAL D 191 -47.39 10.29 -9.45
CA VAL D 191 -46.77 11.54 -9.90
C VAL D 191 -45.56 11.88 -9.04
N TYR D 192 -44.41 12.05 -9.71
CA TYR D 192 -43.15 12.42 -9.09
C TYR D 192 -42.73 13.77 -9.65
N ALA D 193 -42.67 14.77 -8.77
CA ALA D 193 -42.47 16.15 -9.19
C ALA D 193 -41.33 16.79 -8.42
N CYS D 194 -40.52 17.56 -9.15
CA CYS D 194 -39.48 18.38 -8.57
C CYS D 194 -39.79 19.86 -8.83
N GLU D 195 -40.04 20.62 -7.76
CA GLU D 195 -40.35 22.05 -7.83
C GLU D 195 -39.17 22.94 -7.40
N VAL D 196 -38.80 23.90 -8.25
CA VAL D 196 -37.58 24.71 -8.07
C VAL D 196 -37.97 26.20 -7.93
N THR D 197 -37.47 26.84 -6.87
CA THR D 197 -37.69 28.27 -6.62
C THR D 197 -36.33 28.97 -6.61
N HIS D 198 -36.23 30.01 -7.41
CA HIS D 198 -35.00 30.75 -7.54
C HIS D 198 -35.30 32.13 -8.10
N GLN D 199 -34.48 33.11 -7.69
CA GLN D 199 -34.60 34.51 -8.06
C GLN D 199 -34.79 34.80 -9.56
N GLY D 200 -34.14 34.02 -10.41
CA GLY D 200 -34.28 34.15 -11.87
C GLY D 200 -35.59 33.66 -12.47
N LEU D 201 -36.38 32.96 -11.66
CA LEU D 201 -37.68 32.44 -12.08
C LEU D 201 -38.77 33.38 -11.60
N SER D 202 -39.63 33.82 -12.50
CA SER D 202 -40.78 34.65 -12.14
C SER D 202 -41.78 33.90 -11.26
N SER D 203 -41.78 32.57 -11.39
CA SER D 203 -42.66 31.68 -10.64
C SER D 203 -41.99 30.30 -10.53
N PRO D 204 -42.33 29.51 -9.48
CA PRO D 204 -41.67 28.18 -9.38
C PRO D 204 -41.85 27.26 -10.60
N VAL D 205 -40.76 26.66 -11.03
CA VAL D 205 -40.74 25.67 -12.09
C VAL D 205 -40.86 24.25 -11.53
N THR D 206 -41.82 23.51 -12.07
CA THR D 206 -42.03 22.11 -11.71
C THR D 206 -41.76 21.20 -12.92
N LYS D 207 -40.96 20.18 -12.71
CA LYS D 207 -40.77 19.11 -13.70
C LYS D 207 -41.21 17.81 -13.05
N SER D 208 -41.90 16.98 -13.81
CA SER D 208 -42.53 15.80 -13.28
C SER D 208 -42.64 14.70 -14.30
N PHE D 209 -42.91 13.50 -13.82
CA PHE D 209 -43.30 12.40 -14.70
C PHE D 209 -44.30 11.54 -13.97
N ASN D 210 -45.01 10.70 -14.73
CA ASN D 210 -45.84 9.66 -14.17
C ASN D 210 -45.10 8.34 -14.31
N ARG D 211 -44.93 7.61 -13.21
CA ARG D 211 -44.30 6.29 -13.27
C ARG D 211 -45.08 5.36 -14.21
N GLU E 1 13.81 23.28 -9.33
CA GLU E 1 12.51 23.58 -8.66
C GLU E 1 12.32 22.71 -7.40
N VAL E 2 11.57 23.25 -6.44
CA VAL E 2 11.25 22.54 -5.21
C VAL E 2 9.94 21.78 -5.38
N GLN E 3 9.91 20.54 -4.93
CA GLN E 3 8.75 19.67 -5.05
C GLN E 3 8.68 18.69 -3.86
N LEU E 4 7.53 18.70 -3.19
CA LEU E 4 7.24 17.73 -2.14
C LEU E 4 6.11 16.84 -2.61
N VAL E 5 6.28 15.53 -2.42
CA VAL E 5 5.29 14.53 -2.80
C VAL E 5 4.92 13.62 -1.62
N GLU E 6 3.63 13.57 -1.28
CA GLU E 6 3.09 12.70 -0.23
C GLU E 6 2.76 11.31 -0.77
N SER E 7 3.08 10.27 -0.01
CA SER E 7 2.56 8.93 -0.30
C SER E 7 2.08 8.21 0.97
N GLY E 8 1.40 7.09 0.78
CA GLY E 8 1.13 6.14 1.84
C GLY E 8 -0.26 6.18 2.42
N GLY E 9 -1.10 7.09 1.94
CA GLY E 9 -2.48 7.25 2.41
C GLY E 9 -3.33 6.03 2.08
N GLY E 10 -4.47 5.90 2.77
CA GLY E 10 -5.38 4.80 2.54
C GLY E 10 -6.46 4.68 3.58
N LEU E 11 -7.29 3.65 3.41
CA LEU E 11 -8.38 3.33 4.33
C LEU E 11 -7.89 2.32 5.37
N VAL E 12 -7.96 2.70 6.65
CA VAL E 12 -7.64 1.80 7.77
C VAL E 12 -8.75 1.78 8.82
N GLN E 13 -8.69 0.79 9.70
CA GLN E 13 -9.62 0.67 10.83
C GLN E 13 -9.20 1.60 12.00
N PRO E 14 -10.18 2.00 12.84
CA PRO E 14 -9.90 2.60 14.16
C PRO E 14 -9.04 1.67 15.01
N GLY E 15 -7.93 2.18 15.52
CA GLY E 15 -6.92 1.37 16.20
C GLY E 15 -5.74 1.01 15.33
N GLY E 16 -5.93 1.03 14.01
CA GLY E 16 -4.88 0.67 13.05
C GLY E 16 -3.80 1.73 12.86
N SER E 17 -2.86 1.43 11.96
CA SER E 17 -1.64 2.22 11.76
C SER E 17 -1.48 2.56 10.29
N LEU E 18 -0.86 3.70 10.02
CA LEU E 18 -0.50 4.08 8.66
C LEU E 18 0.80 4.90 8.69
N ARG E 19 1.71 4.62 7.75
CA ARG E 19 2.93 5.41 7.62
C ARG E 19 2.92 6.23 6.34
N LEU E 20 2.90 7.56 6.51
CA LEU E 20 2.98 8.49 5.41
C LEU E 20 4.43 8.85 5.18
N SER E 21 4.78 9.05 3.92
CA SER E 21 6.10 9.51 3.53
C SER E 21 5.97 10.79 2.71
N CYS E 22 7.01 11.62 2.80
CA CYS E 22 7.05 12.88 2.07
C CYS E 22 8.41 13.03 1.40
N ALA E 23 8.45 12.76 0.10
CA ALA E 23 9.70 12.81 -0.65
C ALA E 23 9.96 14.24 -1.07
N ALA E 24 11.10 14.78 -0.63
CA ALA E 24 11.53 16.13 -1.01
C ALA E 24 12.51 16.08 -2.16
N SER E 25 12.41 17.08 -3.04
CA SER E 25 13.35 17.27 -4.16
C SER E 25 13.66 18.77 -4.37
N GLY E 26 14.88 19.08 -4.78
CA GLY E 26 15.28 20.46 -5.07
C GLY E 26 15.75 21.27 -3.86
N PHE E 27 15.71 20.67 -2.68
CA PHE E 27 16.29 21.27 -1.47
C PHE E 27 16.62 20.18 -0.45
N SER E 28 17.41 20.55 0.56
CA SER E 28 17.78 19.64 1.64
C SER E 28 16.85 19.80 2.83
N ILE E 29 16.28 18.68 3.26
CA ILE E 29 15.43 18.65 4.46
C ILE E 29 16.26 18.86 5.73
N GLY E 30 17.52 18.41 5.70
CA GLY E 30 18.48 18.68 6.78
C GLY E 30 18.84 20.14 6.95
N LYS E 31 18.71 20.93 5.88
CA LYS E 31 18.96 22.38 5.90
C LYS E 31 17.71 23.19 6.24
N SER E 32 16.60 22.49 6.46
CA SER E 32 15.37 23.08 6.96
C SER E 32 14.56 22.03 7.72
N GLY E 33 13.48 21.55 7.11
CA GLY E 33 12.55 20.68 7.80
C GLY E 33 11.22 20.59 7.07
N ILE E 34 10.33 19.78 7.62
CA ILE E 34 9.05 19.49 6.99
C ILE E 34 7.89 19.52 7.97
N HIS E 35 6.76 20.06 7.51
CA HIS E 35 5.50 20.10 8.26
C HIS E 35 4.51 19.10 7.69
N TRP E 36 3.57 18.69 8.55
CA TRP E 36 2.38 17.94 8.14
C TRP E 36 1.15 18.76 8.57
N VAL E 37 0.21 18.91 7.65
CA VAL E 37 -1.00 19.67 7.89
C VAL E 37 -2.14 18.83 7.29
N ARG E 38 -3.30 18.82 7.94
CA ARG E 38 -4.41 18.03 7.43
C ARG E 38 -5.66 18.87 7.26
N GLN E 39 -6.52 18.40 6.37
CA GLN E 39 -7.75 19.10 6.04
C GLN E 39 -8.83 18.04 5.98
N ALA E 40 -9.75 18.09 6.93
CA ALA E 40 -10.89 17.17 6.92
C ALA E 40 -11.74 17.52 5.69
N PRO E 41 -12.30 16.49 5.01
CA PRO E 41 -13.17 16.80 3.86
C PRO E 41 -14.23 17.86 4.21
N GLY E 42 -14.19 18.98 3.50
CA GLY E 42 -15.10 20.10 3.74
C GLY E 42 -14.72 21.11 4.82
N LYS E 43 -13.57 20.91 5.47
CA LYS E 43 -13.18 21.71 6.64
C LYS E 43 -11.86 22.46 6.41
N GLY E 44 -11.48 23.28 7.37
CA GLY E 44 -10.25 24.08 7.29
C GLY E 44 -8.98 23.29 7.57
N LEU E 45 -7.92 23.98 7.94
CA LEU E 45 -6.58 23.40 8.04
C LEU E 45 -6.12 23.27 9.49
N GLU E 46 -5.65 22.07 9.85
CA GLU E 46 -5.12 21.77 11.16
C GLU E 46 -3.68 21.28 11.00
N TRP E 47 -2.72 22.04 11.54
CA TRP E 47 -1.32 21.64 11.62
C TRP E 47 -1.21 20.41 12.53
N VAL E 48 -0.38 19.44 12.16
CA VAL E 48 -0.23 18.25 12.98
C VAL E 48 1.16 18.12 13.58
N ALA E 49 2.20 18.45 12.82
CA ALA E 49 3.55 18.20 13.30
C ALA E 49 4.63 18.81 12.45
N VAL E 50 5.85 18.83 12.99
CA VAL E 50 7.01 19.33 12.27
C VAL E 50 8.26 18.62 12.79
N ILE E 51 9.28 18.53 11.93
CA ILE E 51 10.55 18.00 12.33
C ILE E 51 11.67 18.84 11.78
N TYR E 52 12.70 19.03 12.61
CA TYR E 52 13.93 19.68 12.21
C TYR E 52 15.02 18.60 12.21
N PRO E 53 15.32 18.02 11.02
CA PRO E 53 16.31 16.92 10.93
C PRO E 53 17.74 17.23 11.37
N HIS E 54 18.09 18.51 11.46
CA HIS E 54 19.41 18.91 11.94
C HIS E 54 19.70 18.45 13.37
N ASP E 55 18.72 18.60 14.26
CA ASP E 55 18.87 18.22 15.66
C ASP E 55 17.78 17.26 16.16
N GLY E 56 16.99 16.71 15.23
CA GLY E 56 15.95 15.74 15.55
C GLY E 56 14.73 16.30 16.27
N ASN E 57 14.68 17.62 16.45
CA ASN E 57 13.64 18.23 17.26
C ASN E 57 12.31 18.15 16.52
N THR E 58 11.27 17.83 17.28
CA THR E 58 9.94 17.58 16.75
C THR E 58 8.93 18.39 17.51
N ALA E 59 7.75 18.56 16.94
CA ALA E 59 6.61 19.18 17.64
C ALA E 59 5.29 18.66 17.05
N TYR E 60 4.26 18.66 17.88
CA TYR E 60 3.01 17.99 17.60
C TYR E 60 1.80 18.80 18.06
N ALA E 61 0.67 18.60 17.39
CA ALA E 61 -0.63 19.09 17.87
C ALA E 61 -1.03 18.24 19.06
N ASP E 62 -1.87 18.80 19.93
CA ASP E 62 -2.33 18.08 21.12
C ASP E 62 -3.33 16.99 20.77
N SER E 63 -4.00 17.12 19.62
CA SER E 63 -4.87 16.08 19.06
C SER E 63 -4.09 14.78 18.87
N VAL E 64 -2.84 14.95 18.49
CA VAL E 64 -2.04 13.92 17.85
C VAL E 64 -0.90 13.40 18.75
N LYS E 65 -0.53 14.17 19.77
CA LYS E 65 0.52 13.82 20.73
C LYS E 65 0.39 12.42 21.31
N GLY E 66 1.45 11.62 21.15
CA GLY E 66 1.56 10.28 21.72
C GLY E 66 1.18 9.18 20.76
N ARG E 67 0.45 9.54 19.71
CA ARG E 67 -0.06 8.59 18.73
C ARG E 67 0.68 8.69 17.40
N PHE E 68 1.06 9.91 17.01
CA PHE E 68 1.76 10.15 15.75
C PHE E 68 3.22 10.41 16.08
N THR E 69 4.11 9.94 15.21
CA THR E 69 5.54 10.23 15.30
C THR E 69 6.05 10.68 13.94
N ILE E 70 6.57 11.90 13.92
CA ILE E 70 7.22 12.43 12.73
C ILE E 70 8.73 12.09 12.81
N SER E 71 9.26 11.57 11.71
CA SER E 71 10.69 11.27 11.61
C SER E 71 11.23 11.73 10.26
N ALA E 72 12.53 11.53 10.06
CA ALA E 72 13.18 11.86 8.80
C ALA E 72 14.45 11.01 8.54
N ASP E 73 14.79 10.90 7.26
CA ASP E 73 15.96 10.17 6.82
C ASP E 73 16.64 11.10 5.82
N THR E 74 17.56 11.91 6.33
CA THR E 74 18.31 12.91 5.55
C THR E 74 19.01 12.29 4.35
N SER E 75 19.50 11.04 4.50
CA SER E 75 20.18 10.32 3.40
C SER E 75 19.23 9.89 2.28
N LYS E 76 17.92 9.87 2.60
CA LYS E 76 16.87 9.62 1.61
C LYS E 76 16.04 10.87 1.30
N ASN E 77 16.35 11.99 1.96
CA ASN E 77 15.66 13.27 1.75
C ASN E 77 14.12 13.16 1.84
N THR E 78 13.68 12.37 2.82
CA THR E 78 12.28 12.02 3.02
C THR E 78 11.94 12.16 4.50
N ALA E 79 10.73 12.66 4.79
CA ALA E 79 10.16 12.68 6.13
C ALA E 79 9.00 11.70 6.19
N TYR E 80 8.69 11.23 7.40
CA TYR E 80 7.64 10.26 7.59
C TYR E 80 6.75 10.70 8.72
N LEU E 81 5.46 10.37 8.60
CA LEU E 81 4.53 10.50 9.71
C LEU E 81 3.95 9.12 10.01
N GLN E 82 4.41 8.55 11.13
CA GLN E 82 3.93 7.26 11.63
C GLN E 82 2.68 7.52 12.46
N MET E 83 1.53 7.15 11.91
CA MET E 83 0.26 7.40 12.56
C MET E 83 -0.24 6.11 13.21
N ASN E 84 -0.27 6.05 14.54
CA ASN E 84 -0.78 4.90 15.29
C ASN E 84 -2.06 5.27 16.02
N SER E 85 -2.77 4.25 16.49
CA SER E 85 -3.98 4.43 17.29
C SER E 85 -4.96 5.36 16.59
N LEU E 86 -5.19 5.13 15.30
CA LEU E 86 -5.96 6.05 14.47
C LEU E 86 -7.43 6.10 14.90
N ARG E 87 -8.04 7.28 14.78
CA ARG E 87 -9.47 7.49 15.10
C ARG E 87 -10.19 8.07 13.88
N ALA E 88 -11.49 7.84 13.80
CA ALA E 88 -12.32 8.35 12.70
C ALA E 88 -12.00 9.80 12.35
N GLU E 89 -11.86 10.64 13.38
CA GLU E 89 -11.60 12.09 13.23
C GLU E 89 -10.21 12.46 12.74
N ASP E 90 -9.34 11.48 12.52
CA ASP E 90 -8.05 11.71 11.88
C ASP E 90 -8.21 11.67 10.36
N THR E 91 -9.41 11.32 9.90
CA THR E 91 -9.75 11.29 8.49
C THR E 91 -9.57 12.68 7.90
N ALA E 92 -8.72 12.78 6.87
CA ALA E 92 -8.35 14.07 6.29
C ALA E 92 -7.41 13.83 5.12
N VAL E 93 -7.33 14.82 4.23
CA VAL E 93 -6.17 14.93 3.34
C VAL E 93 -4.98 15.41 4.17
N TYR E 94 -3.86 14.72 4.09
CA TYR E 94 -2.63 15.12 4.75
C TYR E 94 -1.63 15.72 3.75
N TYR E 95 -1.26 16.98 3.96
CA TYR E 95 -0.25 17.68 3.15
C TYR E 95 1.07 17.73 3.88
N CYS E 96 2.16 17.66 3.14
CA CYS E 96 3.48 17.99 3.67
C CYS E 96 3.91 19.30 3.03
N ALA E 97 4.64 20.09 3.80
CA ALA E 97 5.06 21.41 3.40
C ALA E 97 6.45 21.59 3.93
N ARG E 98 7.24 22.45 3.30
CA ARG E 98 8.58 22.64 3.79
C ARG E 98 8.58 23.72 4.86
N ARG E 99 9.51 23.56 5.79
CA ARG E 99 9.78 24.52 6.84
C ARG E 99 10.53 25.69 6.20
N LEU E 100 9.82 26.79 6.03
CA LEU E 100 10.37 27.95 5.34
C LEU E 100 11.18 28.83 6.29
N ALA E 101 10.84 28.81 7.57
CA ALA E 101 11.43 29.72 8.56
C ALA E 101 11.94 28.98 9.81
N LEU E 102 12.98 29.53 10.43
CA LEU E 102 13.66 28.91 11.57
C LEU E 102 12.73 28.72 12.78
N VAL E 103 12.10 29.81 13.20
CA VAL E 103 11.17 29.76 14.33
C VAL E 103 9.73 29.69 13.85
N ARG E 104 9.35 30.61 12.97
CA ARG E 104 7.95 30.72 12.56
C ARG E 104 7.55 29.57 11.64
N MET E 105 6.28 29.18 11.74
CA MET E 105 5.76 27.98 11.10
C MET E 105 5.22 28.28 9.69
N TRP E 106 5.88 29.19 8.98
CA TRP E 106 5.49 29.48 7.60
C TRP E 106 5.76 28.26 6.76
N MET E 107 4.58 27.91 5.64
CA MET E 107 4.77 26.67 4.94
C MET E 107 4.64 27.00 3.47
N ASP E 108 5.57 26.49 2.67
CA ASP E 108 5.53 26.65 1.22
C ASP E 108 5.83 25.32 0.53
N TYR E 109 5.68 25.31 -0.79
CA TYR E 109 5.85 24.10 -1.59
C TYR E 109 5.07 22.88 -1.05
N TRP E 110 3.78 23.09 -0.76
CA TRP E 110 2.93 22.01 -0.27
C TRP E 110 2.72 21.03 -1.41
N GLY E 111 2.70 19.75 -1.09
CA GLY E 111 2.45 18.72 -2.09
C GLY E 111 0.97 18.53 -2.35
N GLN E 112 0.66 17.62 -3.26
CA GLN E 112 -0.72 17.32 -3.64
C GLN E 112 -1.59 16.85 -2.47
N GLY E 113 -0.95 16.23 -1.47
CA GLY E 113 -1.65 15.68 -0.32
C GLY E 113 -1.97 14.22 -0.53
N THR E 114 -2.23 13.51 0.56
CA THR E 114 -2.68 12.12 0.49
C THR E 114 -3.88 11.90 1.44
N LEU E 115 -4.88 11.15 0.98
CA LEU E 115 -6.14 10.97 1.66
C LEU E 115 -6.03 9.80 2.63
N VAL E 116 -6.35 10.05 3.89
CA VAL E 116 -6.36 9.03 4.91
C VAL E 116 -7.77 8.94 5.46
N THR E 117 -8.38 7.78 5.33
CA THR E 117 -9.73 7.55 5.79
C THR E 117 -9.61 6.54 6.91
N VAL E 118 -10.21 6.85 8.05
CA VAL E 118 -10.28 5.94 9.18
C VAL E 118 -11.75 5.60 9.45
N SER E 119 -12.07 4.32 9.31
CA SER E 119 -13.45 3.88 9.39
C SER E 119 -13.47 2.38 9.62
N SER E 120 -14.53 1.89 10.26
CA SER E 120 -14.75 0.48 10.37
C SER E 120 -15.61 -0.05 9.23
N ALA E 121 -15.98 0.81 8.28
CA ALA E 121 -16.73 0.37 7.10
C ALA E 121 -15.78 -0.21 6.08
N SER E 122 -16.31 -1.18 5.33
CA SER E 122 -15.57 -1.92 4.33
C SER E 122 -15.62 -1.14 3.04
N THR E 123 -14.65 -1.35 2.16
CA THR E 123 -14.67 -0.73 0.85
C THR E 123 -15.92 -1.23 0.17
N LYS E 124 -16.57 -0.40 -0.61
CA LYS E 124 -17.67 -0.85 -1.46
C LYS E 124 -17.57 -0.17 -2.81
N GLY E 125 -17.66 -0.95 -3.89
CA GLY E 125 -17.70 -0.39 -5.24
C GLY E 125 -19.11 0.07 -5.60
N PRO E 126 -19.21 1.12 -6.42
CA PRO E 126 -20.53 1.64 -6.77
C PRO E 126 -21.21 0.86 -7.88
N SER E 127 -22.54 0.87 -7.84
CA SER E 127 -23.33 0.59 -9.02
C SER E 127 -23.35 1.89 -9.79
N VAL E 128 -23.44 1.79 -11.12
CA VAL E 128 -23.58 2.95 -11.98
C VAL E 128 -24.85 2.77 -12.81
N PHE E 129 -25.73 3.76 -12.73
CA PHE E 129 -27.02 3.72 -13.40
C PHE E 129 -27.15 4.87 -14.38
N PRO E 130 -27.82 4.62 -15.52
CA PRO E 130 -28.07 5.70 -16.47
C PRO E 130 -29.08 6.75 -15.98
N LEU E 131 -28.75 8.02 -16.20
CA LEU E 131 -29.74 9.10 -16.18
C LEU E 131 -30.05 9.43 -17.64
N ALA E 132 -31.11 8.82 -18.13
CA ALA E 132 -31.47 8.86 -19.54
C ALA E 132 -32.10 10.19 -19.96
N PRO E 133 -31.73 10.69 -21.16
CA PRO E 133 -32.25 11.95 -21.68
C PRO E 133 -33.70 11.89 -22.17
N SER E 134 -34.26 13.06 -22.48
CA SER E 134 -35.58 13.19 -23.11
C SER E 134 -36.72 12.79 -22.18
N SER E 135 -37.19 13.76 -21.38
CA SER E 135 -38.29 13.54 -20.43
C SER E 135 -39.65 13.47 -21.14
N GLY E 141 -32.70 23.08 -29.03
CA GLY E 141 -32.95 22.08 -27.99
C GLY E 141 -31.69 21.58 -27.27
N THR E 142 -31.69 21.68 -25.94
CA THR E 142 -30.63 21.11 -25.11
C THR E 142 -31.19 19.98 -24.26
N ALA E 143 -30.50 18.83 -24.26
CA ALA E 143 -30.92 17.63 -23.55
C ALA E 143 -29.93 17.29 -22.46
N ALA E 144 -30.42 16.90 -21.28
CA ALA E 144 -29.52 16.46 -20.20
C ALA E 144 -29.55 14.93 -20.00
N LEU E 145 -28.36 14.40 -19.78
CA LEU E 145 -28.19 13.00 -19.48
C LEU E 145 -27.05 12.83 -18.50
N GLY E 146 -26.95 11.65 -17.92
CA GLY E 146 -25.88 11.40 -16.96
C GLY E 146 -25.82 10.00 -16.42
N CYS E 147 -25.07 9.88 -15.32
CA CYS E 147 -24.83 8.60 -14.65
C CYS E 147 -24.89 8.83 -13.15
N LEU E 148 -25.68 8.00 -12.47
CA LEU E 148 -25.75 8.01 -11.02
C LEU E 148 -24.77 6.96 -10.48
N VAL E 149 -23.79 7.41 -9.72
CA VAL E 149 -22.76 6.54 -9.19
C VAL E 149 -23.12 6.35 -7.71
N LYS E 150 -23.72 5.20 -7.42
CA LYS E 150 -24.35 4.99 -6.14
C LYS E 150 -23.68 3.97 -5.21
N ASP E 151 -23.60 4.35 -3.93
CA ASP E 151 -23.33 3.42 -2.83
C ASP E 151 -21.90 2.88 -2.83
N TYR E 152 -20.94 3.78 -2.70
CA TYR E 152 -19.54 3.40 -2.63
C TYR E 152 -18.87 3.95 -1.37
N PHE E 153 -17.71 3.38 -1.06
CA PHE E 153 -16.88 3.79 0.06
C PHE E 153 -15.48 3.21 -0.10
N PRO E 154 -14.44 3.99 0.17
CA PRO E 154 -14.41 5.40 0.53
C PRO E 154 -14.37 6.26 -0.74
N GLU E 155 -14.18 7.55 -0.53
CA GLU E 155 -13.77 8.45 -1.59
C GLU E 155 -12.34 8.10 -2.00
N PRO E 156 -11.92 8.50 -3.22
CA PRO E 156 -12.75 9.17 -4.23
C PRO E 156 -13.25 8.28 -5.36
N VAL E 157 -14.14 8.86 -6.15
CA VAL E 157 -14.60 8.36 -7.42
C VAL E 157 -14.21 9.38 -8.52
N THR E 158 -13.92 8.87 -9.71
CA THR E 158 -13.54 9.65 -10.87
C THR E 158 -14.61 9.45 -11.97
N VAL E 159 -14.98 10.52 -12.69
CA VAL E 159 -15.88 10.39 -13.84
C VAL E 159 -15.37 11.20 -15.04
N SER E 160 -15.35 10.56 -16.21
CA SER E 160 -15.14 11.23 -17.50
C SER E 160 -16.24 10.77 -18.44
N TRP E 161 -16.38 11.43 -19.59
CA TRP E 161 -17.32 11.02 -20.64
C TRP E 161 -16.53 10.83 -21.92
N ASN E 162 -16.82 9.76 -22.65
CA ASN E 162 -16.19 9.47 -23.94
C ASN E 162 -14.65 9.47 -23.87
N SER E 163 -14.11 8.95 -22.78
CA SER E 163 -12.66 8.87 -22.52
C SER E 163 -11.97 10.25 -22.41
N GLY E 164 -12.72 11.24 -21.94
CA GLY E 164 -12.19 12.61 -21.77
C GLY E 164 -12.37 13.50 -22.98
N ALA E 165 -12.93 12.94 -24.06
CA ALA E 165 -13.18 13.68 -25.30
C ALA E 165 -14.39 14.61 -25.21
N LEU E 166 -15.32 14.29 -24.30
CA LEU E 166 -16.50 15.11 -24.03
C LEU E 166 -16.34 15.77 -22.66
N THR E 167 -16.07 17.08 -22.66
CA THR E 167 -15.82 17.85 -21.43
C THR E 167 -16.71 19.10 -21.31
N SER E 168 -17.22 19.59 -22.43
CA SER E 168 -18.07 20.78 -22.45
C SER E 168 -19.48 20.45 -21.97
N GLY E 169 -19.99 21.28 -21.05
CA GLY E 169 -21.29 21.08 -20.45
C GLY E 169 -21.32 20.05 -19.35
N VAL E 170 -20.16 19.48 -19.01
CA VAL E 170 -20.06 18.40 -18.03
C VAL E 170 -20.04 18.90 -16.59
N HIS E 171 -20.89 18.32 -15.73
CA HIS E 171 -20.90 18.59 -14.30
C HIS E 171 -20.92 17.27 -13.53
N THR E 172 -19.86 16.98 -12.78
CA THR E 172 -19.92 15.85 -11.89
C THR E 172 -19.88 16.48 -10.52
N PHE E 173 -20.91 16.17 -9.73
CA PHE E 173 -21.18 16.87 -8.48
C PHE E 173 -20.28 16.33 -7.38
N PRO E 174 -20.02 17.14 -6.35
CA PRO E 174 -19.37 16.58 -5.17
C PRO E 174 -20.14 15.37 -4.67
N ALA E 175 -19.42 14.41 -4.08
CA ALA E 175 -20.05 13.27 -3.43
C ALA E 175 -20.81 13.70 -2.18
N VAL E 176 -21.89 13.00 -1.89
CA VAL E 176 -22.61 13.15 -0.64
C VAL E 176 -22.63 11.83 0.10
N LEU E 177 -22.42 11.90 1.41
CA LEU E 177 -22.57 10.78 2.30
C LEU E 177 -24.05 10.60 2.57
N GLN E 178 -24.58 9.46 2.18
CA GLN E 178 -25.96 9.09 2.50
C GLN E 178 -25.98 8.73 3.98
N SER E 179 -27.18 8.67 4.54
CA SER E 179 -27.39 8.27 5.93
C SER E 179 -26.88 6.86 6.26
N SER E 180 -26.80 6.01 5.22
CA SER E 180 -26.23 4.66 5.29
C SER E 180 -24.71 4.62 5.52
N GLY E 181 -24.04 5.75 5.34
CA GLY E 181 -22.58 5.82 5.45
C GLY E 181 -21.87 5.60 4.12
N LEU E 182 -22.64 5.42 3.05
CA LEU E 182 -22.08 5.19 1.72
C LEU E 182 -22.25 6.45 0.87
N TYR E 183 -21.30 6.70 -0.04
CA TYR E 183 -21.34 7.89 -0.86
C TYR E 183 -22.20 7.67 -2.10
N SER E 184 -22.66 8.76 -2.67
CA SER E 184 -23.31 8.75 -3.97
C SER E 184 -22.92 10.01 -4.71
N LEU E 185 -22.94 9.93 -6.04
CA LEU E 185 -22.83 11.15 -6.85
C LEU E 185 -23.36 10.93 -8.25
N SER E 186 -23.78 12.03 -8.86
CA SER E 186 -24.18 12.08 -10.26
C SER E 186 -23.16 12.91 -11.06
N SER E 187 -22.94 12.46 -12.29
CA SER E 187 -22.26 13.24 -13.29
C SER E 187 -23.26 13.47 -14.40
N VAL E 188 -23.32 14.69 -14.88
CA VAL E 188 -24.33 15.05 -15.82
C VAL E 188 -23.65 15.81 -16.96
N VAL E 189 -24.23 15.72 -18.16
CA VAL E 189 -23.77 16.54 -19.28
C VAL E 189 -25.00 16.98 -20.08
N THR E 190 -24.96 18.21 -20.60
CA THR E 190 -25.99 18.71 -21.49
C THR E 190 -25.44 18.75 -22.90
N VAL E 191 -26.27 18.31 -23.84
CA VAL E 191 -25.87 18.15 -25.21
C VAL E 191 -27.02 18.60 -26.11
N PRO E 192 -26.72 18.84 -27.42
CA PRO E 192 -27.81 19.10 -28.36
C PRO E 192 -28.68 17.86 -28.51
N SER E 193 -29.99 18.01 -28.38
CA SER E 193 -30.92 16.88 -28.55
C SER E 193 -30.91 16.31 -29.98
N SER E 194 -30.38 17.07 -30.93
CA SER E 194 -30.11 16.58 -32.29
C SER E 194 -29.09 15.43 -32.32
N SER E 195 -28.25 15.32 -31.30
CA SER E 195 -27.17 14.33 -31.27
C SER E 195 -27.54 13.01 -30.57
N LEU E 196 -28.71 12.96 -29.95
CA LEU E 196 -29.16 11.78 -29.19
C LEU E 196 -29.41 10.51 -30.03
N GLY E 197 -29.54 10.66 -31.34
CA GLY E 197 -29.67 9.50 -32.24
C GLY E 197 -28.48 9.35 -33.17
N THR E 198 -27.32 9.87 -32.76
CA THR E 198 -26.14 9.97 -33.63
C THR E 198 -24.84 9.75 -32.85
N GLN E 199 -24.67 10.49 -31.76
CA GLN E 199 -23.50 10.40 -30.92
C GLN E 199 -23.86 9.59 -29.69
N THR E 200 -22.98 8.65 -29.33
CA THR E 200 -23.21 7.84 -28.15
C THR E 200 -22.48 8.49 -26.99
N TYR E 201 -23.05 8.33 -25.79
CA TYR E 201 -22.49 8.90 -24.57
C TYR E 201 -22.24 7.77 -23.58
N ILE E 202 -21.00 7.74 -23.08
CA ILE E 202 -20.55 6.74 -22.13
C ILE E 202 -19.87 7.47 -20.99
N CYS E 203 -20.35 7.28 -19.77
CA CYS E 203 -19.63 7.76 -18.59
C CYS E 203 -18.62 6.71 -18.19
N ASN E 204 -17.39 7.16 -18.01
CA ASN E 204 -16.31 6.29 -17.61
C ASN E 204 -16.14 6.52 -16.12
N VAL E 205 -16.40 5.48 -15.34
CA VAL E 205 -16.39 5.60 -13.89
C VAL E 205 -15.25 4.76 -13.35
N ASN E 206 -14.38 5.37 -12.54
CA ASN E 206 -13.34 4.65 -11.80
C ASN E 206 -13.41 4.86 -10.28
N HIS E 207 -13.51 3.75 -9.52
CA HIS E 207 -13.39 3.79 -8.06
C HIS E 207 -12.16 2.99 -7.66
N LYS E 208 -11.02 3.67 -7.60
CA LYS E 208 -9.75 2.96 -7.39
C LYS E 208 -9.72 2.16 -6.10
N PRO E 209 -10.25 2.72 -4.99
CA PRO E 209 -10.21 1.96 -3.73
C PRO E 209 -10.80 0.55 -3.78
N SER E 210 -11.80 0.31 -4.63
CA SER E 210 -12.41 -1.02 -4.79
C SER E 210 -12.06 -1.71 -6.12
N ASN E 211 -11.16 -1.11 -6.89
CA ASN E 211 -10.80 -1.60 -8.22
C ASN E 211 -12.01 -1.70 -9.15
N THR E 212 -12.94 -0.76 -9.02
CA THR E 212 -14.15 -0.73 -9.86
C THR E 212 -13.96 0.19 -11.06
N LYS E 213 -14.21 -0.34 -12.25
CA LYS E 213 -14.06 0.39 -13.50
C LYS E 213 -15.27 0.08 -14.38
N VAL E 214 -16.19 1.03 -14.49
CA VAL E 214 -17.41 0.84 -15.28
C VAL E 214 -17.47 1.85 -16.41
N ASP E 215 -17.84 1.37 -17.60
CA ASP E 215 -18.17 2.22 -18.75
C ASP E 215 -19.66 1.99 -19.06
N LYS E 216 -20.48 3.01 -18.83
CA LYS E 216 -21.94 2.90 -19.00
C LYS E 216 -22.40 3.75 -20.18
N LYS E 217 -23.07 3.13 -21.14
CA LYS E 217 -23.65 3.87 -22.26
C LYS E 217 -25.01 4.40 -21.84
N VAL E 218 -25.22 5.70 -22.05
CA VAL E 218 -26.49 6.31 -21.69
C VAL E 218 -27.32 6.54 -22.95
N GLU E 219 -28.33 5.71 -23.12
CA GLU E 219 -29.27 5.78 -24.24
C GLU E 219 -30.53 6.51 -23.77
N PRO E 220 -31.37 6.98 -24.70
CA PRO E 220 -32.68 7.49 -24.30
C PRO E 220 -33.65 6.37 -23.93
N SER F 21 27.87 37.70 8.68
CA SER F 21 28.33 36.50 9.43
C SER F 21 27.23 35.96 10.35
N SER F 22 26.94 36.69 11.43
CA SER F 22 26.11 36.20 12.54
C SER F 22 24.74 36.91 12.59
N PRO F 23 23.67 36.20 12.98
CA PRO F 23 22.33 36.81 13.09
C PRO F 23 22.15 37.67 14.34
N SER F 24 20.97 38.29 14.46
CA SER F 24 20.65 39.16 15.60
C SER F 24 19.26 38.80 16.14
N GLU F 25 19.23 38.04 17.23
CA GLU F 25 17.99 37.58 17.87
C GLU F 25 17.14 36.72 16.93
N GLY F 26 17.80 35.78 16.25
CA GLY F 26 17.15 34.89 15.30
C GLY F 26 16.80 35.53 13.96
N LEU F 27 17.22 36.78 13.75
CA LEU F 27 16.86 37.54 12.55
C LEU F 27 18.11 37.96 11.76
N CYS F 28 18.15 37.53 10.49
CA CYS F 28 19.21 37.91 9.57
C CYS F 28 18.75 39.08 8.70
N PRO F 29 19.69 39.94 8.27
CA PRO F 29 19.36 41.17 7.56
C PRO F 29 18.91 40.96 6.09
N PRO F 30 18.49 42.05 5.41
CA PRO F 30 18.15 42.00 3.98
C PRO F 30 19.27 41.44 3.11
N GLY F 31 18.92 40.56 2.17
CA GLY F 31 19.89 39.90 1.31
C GLY F 31 20.43 38.59 1.85
N HIS F 32 19.99 38.20 3.05
CA HIS F 32 20.48 36.97 3.67
C HIS F 32 19.37 36.18 4.34
N HIS F 33 19.48 34.85 4.27
CA HIS F 33 18.58 33.94 4.98
C HIS F 33 19.34 33.34 6.15
N ILE F 34 18.62 33.00 7.22
CA ILE F 34 19.27 32.43 8.39
C ILE F 34 19.60 30.95 8.14
N SER F 35 20.59 30.43 8.86
CA SER F 35 21.07 29.07 8.62
C SER F 35 20.25 28.07 9.42
N GLU F 36 20.39 26.80 9.05
CA GLU F 36 19.70 25.69 9.72
C GLU F 36 19.99 25.60 11.24
N ASP F 37 21.20 25.98 11.65
CA ASP F 37 21.58 25.94 13.07
C ASP F 37 21.40 27.27 13.82
N GLY F 38 20.81 28.27 13.16
CA GLY F 38 20.43 29.54 13.79
C GLY F 38 21.57 30.45 14.22
N ARG F 39 22.78 30.16 13.73
CA ARG F 39 23.99 30.87 14.16
C ARG F 39 24.70 31.63 13.03
N ASP F 40 24.26 31.46 11.78
CA ASP F 40 24.87 32.16 10.64
C ASP F 40 23.86 32.68 9.64
N CYS F 41 24.23 33.78 8.99
CA CYS F 41 23.46 34.37 7.90
C CYS F 41 24.17 34.06 6.57
N ILE F 42 23.44 33.49 5.62
CA ILE F 42 24.01 33.10 4.33
C ILE F 42 23.46 33.97 3.21
N SER F 43 24.32 34.34 2.27
CA SER F 43 23.96 35.21 1.16
C SER F 43 23.01 34.53 0.16
N CYS F 44 22.13 35.33 -0.43
CA CYS F 44 21.35 34.88 -1.60
C CYS F 44 22.29 34.89 -2.81
N LYS F 45 21.95 34.11 -3.83
CA LYS F 45 22.71 34.11 -5.08
C LYS F 45 22.30 35.31 -5.93
N TYR F 46 23.28 35.95 -6.56
CA TYR F 46 23.06 37.20 -7.29
C TYR F 46 22.32 36.99 -8.61
N GLY F 47 21.09 37.50 -8.68
CA GLY F 47 20.24 37.33 -9.86
C GLY F 47 19.37 36.08 -9.82
N GLN F 48 19.47 35.32 -8.72
CA GLN F 48 18.70 34.09 -8.54
C GLN F 48 17.61 34.25 -7.48
N ASP F 49 17.94 34.87 -6.34
CA ASP F 49 16.97 35.12 -5.27
C ASP F 49 17.26 36.39 -4.44
N TYR F 50 16.34 36.73 -3.52
CA TYR F 50 16.39 37.97 -2.73
C TYR F 50 15.73 37.86 -1.35
N SER F 51 15.83 38.94 -0.57
CA SER F 51 15.10 39.10 0.69
C SER F 51 15.17 40.57 1.13
N THR F 52 14.03 41.21 1.37
CA THR F 52 13.99 42.67 1.55
C THR F 52 13.96 43.14 3.01
N HIS F 53 13.87 42.23 3.97
CA HIS F 53 13.77 42.63 5.38
C HIS F 53 14.47 41.68 6.36
N TRP F 54 14.56 42.11 7.61
CA TRP F 54 15.08 41.26 8.68
C TRP F 54 14.09 40.12 8.91
N ASN F 55 14.53 38.89 8.61
CA ASN F 55 13.66 37.71 8.74
C ASN F 55 14.40 36.45 9.19
N ASP F 56 13.63 35.47 9.63
CA ASP F 56 14.16 34.17 10.07
C ASP F 56 13.90 33.07 9.03
N LEU F 57 13.67 33.45 7.77
CA LEU F 57 13.49 32.49 6.69
C LEU F 57 14.78 31.73 6.43
N LEU F 58 14.67 30.46 6.09
CA LEU F 58 15.82 29.61 5.79
C LEU F 58 16.19 29.62 4.31
N PHE F 59 15.36 30.27 3.51
CA PHE F 59 15.57 30.36 2.06
C PHE F 59 15.30 31.79 1.60
N CYS F 60 16.07 32.24 0.61
CA CYS F 60 15.80 33.50 -0.05
C CYS F 60 14.62 33.31 -1.00
N LEU F 61 13.90 34.40 -1.28
CA LEU F 61 12.70 34.34 -2.14
C LEU F 61 13.09 34.37 -3.62
N ARG F 62 12.39 33.58 -4.43
CA ARG F 62 12.69 33.45 -5.87
C ARG F 62 12.34 34.73 -6.65
N CYS F 63 13.26 35.16 -7.52
CA CYS F 63 13.05 36.35 -8.35
C CYS F 63 11.96 36.09 -9.37
N THR F 64 11.09 37.07 -9.61
CA THR F 64 10.00 36.94 -10.59
C THR F 64 10.52 37.26 -12.00
N ARG F 65 10.50 36.26 -12.88
CA ARG F 65 10.93 36.44 -14.27
C ARG F 65 9.83 37.09 -15.10
N CYS F 66 10.22 37.94 -16.05
CA CYS F 66 9.27 38.62 -16.93
C CYS F 66 8.91 37.72 -18.11
N ASP F 67 8.31 37.03 -18.42
CA ASP F 67 8.11 35.94 -19.38
C ASP F 67 8.23 36.45 -20.82
N SER F 68 7.69 35.71 -21.78
CA SER F 68 7.80 36.06 -23.20
C SER F 68 6.90 37.21 -23.63
N GLY F 69 6.23 37.87 -22.69
CA GLY F 69 5.44 39.05 -22.97
C GLY F 69 5.67 40.16 -21.96
N GLU F 70 6.88 40.24 -21.44
CA GLU F 70 7.25 41.24 -20.44
C GLU F 70 8.74 41.58 -20.55
N VAL F 71 9.06 42.87 -20.52
CA VAL F 71 10.46 43.32 -20.59
C VAL F 71 11.02 43.58 -19.19
N GLU F 72 12.33 43.46 -19.06
CA GLU F 72 13.00 43.71 -17.80
C GLU F 72 13.32 45.20 -17.64
N LEU F 73 13.31 45.69 -16.43
CA LEU F 73 13.50 47.08 -16.04
C LEU F 73 14.75 47.21 -15.17
N SER F 74 14.74 46.52 -14.03
CA SER F 74 15.86 46.54 -13.09
C SER F 74 16.16 45.12 -12.59
N PRO F 75 17.38 44.61 -12.85
CA PRO F 75 17.79 43.25 -12.45
C PRO F 75 17.44 42.90 -11.01
N CYS F 76 17.33 41.60 -10.74
CA CYS F 76 17.10 41.11 -9.39
C CYS F 76 18.41 41.21 -8.61
N THR F 77 18.37 41.87 -7.43
CA THR F 77 19.52 41.95 -6.54
C THR F 77 19.20 41.14 -5.28
N THR F 78 20.11 41.20 -4.31
CA THR F 78 19.94 40.48 -3.04
C THR F 78 18.83 41.06 -2.16
N THR F 79 18.57 42.36 -2.26
CA THR F 79 17.62 43.04 -1.37
C THR F 79 16.32 43.51 -2.02
N ARG F 80 16.29 43.54 -3.36
CA ARG F 80 15.13 44.08 -4.08
C ARG F 80 14.70 43.15 -5.21
N ASN F 81 13.41 42.81 -5.22
CA ASN F 81 12.84 42.01 -6.30
C ASN F 81 12.83 42.81 -7.62
N THR F 82 13.05 42.10 -8.73
CA THR F 82 13.08 42.72 -10.04
C THR F 82 11.75 43.35 -10.43
N VAL F 83 11.81 44.35 -11.31
CA VAL F 83 10.63 45.06 -11.81
C VAL F 83 10.49 44.77 -13.30
N CYS F 84 9.29 44.37 -13.73
CA CYS F 84 9.01 44.11 -15.15
C CYS F 84 8.32 45.30 -15.78
#